data_2D34
# 
_entry.id   2D34 
# 
_audit_conform.dict_name       mmcif_pdbx.dic 
_audit_conform.dict_version    5.387 
_audit_conform.dict_location   http://mmcif.pdb.org/dictionaries/ascii/mmcif_pdbx.dic 
# 
loop_
_database_2.database_id 
_database_2.database_code 
_database_2.pdbx_database_accession 
_database_2.pdbx_DOI 
PDB   2D34         pdb_00002d34 10.2210/pdb2d34/pdb 
RCSB  DDFB24       ?            ?                   
WWPDB D_1000177976 ?            ?                   
# 
loop_
_pdbx_audit_revision_history.ordinal 
_pdbx_audit_revision_history.data_content_type 
_pdbx_audit_revision_history.major_revision 
_pdbx_audit_revision_history.minor_revision 
_pdbx_audit_revision_history.revision_date 
1 'Structure model' 1 0 1992-04-15 
2 'Structure model' 1 1 2008-05-22 
3 'Structure model' 1 2 2011-07-13 
4 'Structure model' 1 3 2024-02-14 
# 
_pdbx_audit_revision_details.ordinal             1 
_pdbx_audit_revision_details.revision_ordinal    1 
_pdbx_audit_revision_details.data_content_type   'Structure model' 
_pdbx_audit_revision_details.provider            repository 
_pdbx_audit_revision_details.type                'Initial release' 
_pdbx_audit_revision_details.description         ? 
_pdbx_audit_revision_details.details             ? 
# 
loop_
_pdbx_audit_revision_group.ordinal 
_pdbx_audit_revision_group.revision_ordinal 
_pdbx_audit_revision_group.data_content_type 
_pdbx_audit_revision_group.group 
1 2 'Structure model' 'Version format compliance' 
2 3 'Structure model' 'Version format compliance' 
3 4 'Structure model' 'Data collection'           
4 4 'Structure model' 'Database references'       
5 4 'Structure model' 'Derived calculations'      
# 
loop_
_pdbx_audit_revision_category.ordinal 
_pdbx_audit_revision_category.revision_ordinal 
_pdbx_audit_revision_category.data_content_type 
_pdbx_audit_revision_category.category 
1 4 'Structure model' chem_comp_atom         
2 4 'Structure model' chem_comp_bond         
3 4 'Structure model' database_2             
4 4 'Structure model' pdbx_struct_conn_angle 
5 4 'Structure model' struct_conn            
6 4 'Structure model' struct_site            
# 
loop_
_pdbx_audit_revision_item.ordinal 
_pdbx_audit_revision_item.revision_ordinal 
_pdbx_audit_revision_item.data_content_type 
_pdbx_audit_revision_item.item 
1  4 'Structure model' '_database_2.pdbx_DOI'                        
2  4 'Structure model' '_database_2.pdbx_database_accession'         
3  4 'Structure model' '_pdbx_struct_conn_angle.ptnr1_auth_comp_id'  
4  4 'Structure model' '_pdbx_struct_conn_angle.ptnr1_auth_seq_id'   
5  4 'Structure model' '_pdbx_struct_conn_angle.ptnr1_label_asym_id' 
6  4 'Structure model' '_pdbx_struct_conn_angle.ptnr1_label_atom_id' 
7  4 'Structure model' '_pdbx_struct_conn_angle.ptnr1_label_comp_id' 
8  4 'Structure model' '_pdbx_struct_conn_angle.ptnr3_auth_comp_id'  
9  4 'Structure model' '_pdbx_struct_conn_angle.ptnr3_auth_seq_id'   
10 4 'Structure model' '_pdbx_struct_conn_angle.ptnr3_label_asym_id' 
11 4 'Structure model' '_pdbx_struct_conn_angle.ptnr3_label_atom_id' 
12 4 'Structure model' '_pdbx_struct_conn_angle.ptnr3_label_comp_id' 
13 4 'Structure model' '_pdbx_struct_conn_angle.value'               
14 4 'Structure model' '_struct_conn.conn_type_id'                   
15 4 'Structure model' '_struct_conn.id'                             
16 4 'Structure model' '_struct_conn.pdbx_dist_value'                
17 4 'Structure model' '_struct_conn.pdbx_leaving_atom_flag'         
18 4 'Structure model' '_struct_conn.ptnr1_auth_comp_id'             
19 4 'Structure model' '_struct_conn.ptnr1_auth_seq_id'              
20 4 'Structure model' '_struct_conn.ptnr1_label_asym_id'            
21 4 'Structure model' '_struct_conn.ptnr1_label_atom_id'            
22 4 'Structure model' '_struct_conn.ptnr1_label_comp_id'            
23 4 'Structure model' '_struct_conn.ptnr1_label_seq_id'             
24 4 'Structure model' '_struct_conn.ptnr2_auth_comp_id'             
25 4 'Structure model' '_struct_conn.ptnr2_auth_seq_id'              
26 4 'Structure model' '_struct_conn.ptnr2_label_asym_id'            
27 4 'Structure model' '_struct_conn.ptnr2_label_atom_id'            
28 4 'Structure model' '_struct_conn.ptnr2_label_comp_id'            
29 4 'Structure model' '_struct_conn.ptnr2_label_seq_id'             
30 4 'Structure model' '_struct_site.pdbx_auth_asym_id'              
31 4 'Structure model' '_struct_site.pdbx_auth_comp_id'              
32 4 'Structure model' '_struct_site.pdbx_auth_seq_id'               
# 
_pdbx_database_status.status_code                     REL 
_pdbx_database_status.entry_id                        2D34 
_pdbx_database_status.recvd_initial_deposition_date   1991-05-23 
_pdbx_database_status.deposit_site                    BNL 
_pdbx_database_status.process_site                    BNL 
_pdbx_database_status.SG_entry                        . 
_pdbx_database_status.pdb_format_compatible           Y 
_pdbx_database_status.status_code_mr                  ? 
_pdbx_database_status.status_code_sf                  ? 
_pdbx_database_status.status_code_cs                  ? 
_pdbx_database_status.status_code_nmr_data            ? 
_pdbx_database_status.methods_development_category    ? 
# 
loop_
_audit_author.name 
_audit_author.pdbx_ordinal 
'Wang, A.H.-J.' 1 
'Gao, Y.-G.'    2 
'Liaw, Y.-C.'   3 
'Li, Y.-K.'     4 
# 
_citation.id                        primary 
_citation.title                     
'Formaldehyde cross-links daunorubicin and DNA efficiently: HPLC and X-ray diffraction studies.' 
_citation.journal_abbrev            Biochemistry 
_citation.journal_volume            30 
_citation.page_first                3812 
_citation.page_last                 3815 
_citation.year                      1991 
_citation.journal_id_ASTM           BICHAW 
_citation.country                   US 
_citation.journal_id_ISSN           0006-2960 
_citation.journal_id_CSD            0033 
_citation.book_publisher            ? 
_citation.pdbx_database_id_PubMed   2018756 
_citation.pdbx_database_id_DOI      10.1021/bi00230a002 
# 
loop_
_citation_author.citation_id 
_citation_author.name 
_citation_author.ordinal 
_citation_author.identifier_ORCID 
primary 'Wang, A.H.' 1 ? 
primary 'Gao, Y.G.'  2 ? 
primary 'Liaw, Y.C.' 3 ? 
primary 'Li, Y.K.'   4 ? 
# 
loop_
_entity.id 
_entity.type 
_entity.src_method 
_entity.pdbx_description 
_entity.formula_weight 
_entity.pdbx_number_of_molecules 
_entity.pdbx_ec 
_entity.pdbx_mutation 
_entity.pdbx_fragment 
_entity.details 
1 polymer     syn "5'-D(*CP*GP*TP*(A35)P*CP*G)-3'" 1838.258 1  ? ? ? ? 
2 non-polymer syn DAUNOMYCIN                       527.520  1  ? ? ? ? 
3 non-polymer syn 'MAGNESIUM ION'                  24.305   1  ? ? ? ? 
4 water       nat water                            18.015   64 ? ? ? ? 
# 
_entity_poly.entity_id                      1 
_entity_poly.type                           polydeoxyribonucleotide 
_entity_poly.nstd_linkage                   no 
_entity_poly.nstd_monomer                   yes 
_entity_poly.pdbx_seq_one_letter_code       '(DC)(DG)(DT)(A40)(DC)(DG)' 
_entity_poly.pdbx_seq_one_letter_code_can   CGTACG 
_entity_poly.pdbx_strand_id                 A 
_entity_poly.pdbx_target_identifier         ? 
# 
loop_
_pdbx_entity_nonpoly.entity_id 
_pdbx_entity_nonpoly.name 
_pdbx_entity_nonpoly.comp_id 
2 DAUNOMYCIN      DM1 
3 'MAGNESIUM ION' MG  
4 water           HOH 
# 
loop_
_entity_poly_seq.entity_id 
_entity_poly_seq.num 
_entity_poly_seq.mon_id 
_entity_poly_seq.hetero 
1 1 DC  n 
1 2 DG  n 
1 3 DT  n 
1 4 A40 n 
1 5 DC  n 
1 6 DG  n 
# 
loop_
_chem_comp.id 
_chem_comp.type 
_chem_comp.mon_nstd_flag 
_chem_comp.name 
_chem_comp.pdbx_synonyms 
_chem_comp.formula 
_chem_comp.formula_weight 
A40 'DNA linking' n 
;N2-METHYL 2'-DEOXYADENOSINE 5'-MONOPHOSPHATE
;
?            'C11 H17 N6 O6 P' 360.263 
DC  'DNA linking' y "2'-DEOXYCYTIDINE-5'-MONOPHOSPHATE"            ?            'C9 H14 N3 O7 P'  307.197 
DG  'DNA linking' y "2'-DEOXYGUANOSINE-5'-MONOPHOSPHATE"           ?            'C10 H14 N5 O7 P' 347.221 
DM1 non-polymer   . DAUNOMYCIN                                     DAUNORUBICIN 'C27 H29 N O10'   527.520 
DT  'DNA linking' y "THYMIDINE-5'-MONOPHOSPHATE"                   ?            'C10 H15 N2 O8 P' 322.208 
HOH non-polymer   . WATER                                          ?            'H2 O'            18.015  
MG  non-polymer   . 'MAGNESIUM ION'                                ?            'Mg 2'            24.305  
# 
loop_
_pdbx_poly_seq_scheme.asym_id 
_pdbx_poly_seq_scheme.entity_id 
_pdbx_poly_seq_scheme.seq_id 
_pdbx_poly_seq_scheme.mon_id 
_pdbx_poly_seq_scheme.ndb_seq_num 
_pdbx_poly_seq_scheme.pdb_seq_num 
_pdbx_poly_seq_scheme.auth_seq_num 
_pdbx_poly_seq_scheme.pdb_mon_id 
_pdbx_poly_seq_scheme.auth_mon_id 
_pdbx_poly_seq_scheme.pdb_strand_id 
_pdbx_poly_seq_scheme.pdb_ins_code 
_pdbx_poly_seq_scheme.hetero 
A 1 1 DC  1 1 1 DC  C  A . n 
A 1 2 DG  2 2 2 DG  G  A . n 
A 1 3 DT  3 3 3 DT  T  A . n 
A 1 4 A40 4 4 4 A40 +A A . n 
A 1 5 DC  5 5 5 DC  C  A . n 
A 1 6 DG  6 6 6 DG  G  A . n 
# 
loop_
_pdbx_nonpoly_scheme.asym_id 
_pdbx_nonpoly_scheme.entity_id 
_pdbx_nonpoly_scheme.mon_id 
_pdbx_nonpoly_scheme.ndb_seq_num 
_pdbx_nonpoly_scheme.pdb_seq_num 
_pdbx_nonpoly_scheme.auth_seq_num 
_pdbx_nonpoly_scheme.pdb_mon_id 
_pdbx_nonpoly_scheme.auth_mon_id 
_pdbx_nonpoly_scheme.pdb_strand_id 
_pdbx_nonpoly_scheme.pdb_ins_code 
B 2 DM1 1  7  4  DM1 DM1 A . 
C 3 MG  1  8  8  MG  MG  A . 
D 4 HOH 1  9  9  HOH HOH A . 
D 4 HOH 2  10 10 HOH HOH A . 
D 4 HOH 3  11 11 HOH HOH A . 
D 4 HOH 4  12 12 HOH HOH A . 
D 4 HOH 5  13 13 HOH HOH A . 
D 4 HOH 6  14 14 HOH HOH A . 
D 4 HOH 7  15 15 HOH HOH A . 
D 4 HOH 8  16 16 HOH HOH A . 
D 4 HOH 9  17 17 HOH HOH A . 
D 4 HOH 10 18 18 HOH HOH A . 
D 4 HOH 11 19 19 HOH HOH A . 
D 4 HOH 12 20 20 HOH HOH A . 
D 4 HOH 13 21 21 HOH HOH A . 
D 4 HOH 14 22 22 HOH HOH A . 
D 4 HOH 15 23 23 HOH HOH A . 
D 4 HOH 16 24 24 HOH HOH A . 
D 4 HOH 17 25 25 HOH HOH A . 
D 4 HOH 18 26 26 HOH HOH A . 
D 4 HOH 19 27 27 HOH HOH A . 
D 4 HOH 20 28 28 HOH HOH A . 
D 4 HOH 21 29 29 HOH HOH A . 
D 4 HOH 22 30 30 HOH HOH A . 
D 4 HOH 23 31 31 HOH HOH A . 
D 4 HOH 24 32 32 HOH HOH A . 
D 4 HOH 25 33 33 HOH HOH A . 
D 4 HOH 26 34 34 HOH HOH A . 
D 4 HOH 27 35 35 HOH HOH A . 
D 4 HOH 28 36 36 HOH HOH A . 
D 4 HOH 29 37 37 HOH HOH A . 
D 4 HOH 30 38 38 HOH HOH A . 
D 4 HOH 31 39 39 HOH HOH A . 
D 4 HOH 32 40 40 HOH HOH A . 
D 4 HOH 33 41 41 HOH HOH A . 
D 4 HOH 34 42 42 HOH HOH A . 
D 4 HOH 35 43 43 HOH HOH A . 
D 4 HOH 36 44 44 HOH HOH A . 
D 4 HOH 37 45 45 HOH HOH A . 
D 4 HOH 38 46 46 HOH HOH A . 
D 4 HOH 39 47 47 HOH HOH A . 
D 4 HOH 40 48 48 HOH HOH A . 
D 4 HOH 41 49 49 HOH HOH A . 
D 4 HOH 42 50 50 HOH HOH A . 
D 4 HOH 43 51 51 HOH HOH A . 
D 4 HOH 44 52 52 HOH HOH A . 
D 4 HOH 45 53 53 HOH HOH A . 
D 4 HOH 46 54 54 HOH HOH A . 
D 4 HOH 47 55 55 HOH HOH A . 
D 4 HOH 48 56 56 HOH HOH A . 
D 4 HOH 49 57 57 HOH HOH A . 
D 4 HOH 50 58 58 HOH HOH A . 
D 4 HOH 51 59 59 HOH HOH A . 
D 4 HOH 52 60 60 HOH HOH A . 
D 4 HOH 53 61 61 HOH HOH A . 
D 4 HOH 54 62 62 HOH HOH A . 
D 4 HOH 55 63 63 HOH HOH A . 
D 4 HOH 56 64 64 HOH HOH A . 
D 4 HOH 57 65 65 HOH HOH A . 
D 4 HOH 58 66 66 HOH HOH A . 
D 4 HOH 59 67 67 HOH HOH A . 
D 4 HOH 60 68 68 HOH HOH A . 
D 4 HOH 61 69 69 HOH HOH A . 
D 4 HOH 62 70 70 HOH HOH A . 
D 4 HOH 63 71 71 HOH HOH A . 
D 4 HOH 64 72 72 HOH HOH A . 
# 
_software.name             NUCLSQ 
_software.classification   refinement 
_software.version          . 
_software.citation_id      ? 
_software.pdbx_ordinal     1 
# 
_cell.entry_id           2D34 
_cell.length_a           28.021 
_cell.length_b           28.021 
_cell.length_c           52.471 
_cell.angle_alpha        90.00 
_cell.angle_beta         90.00 
_cell.angle_gamma        90.00 
_cell.Z_PDB              8 
_cell.pdbx_unique_axis   ? 
# 
_symmetry.entry_id                         2D34 
_symmetry.space_group_name_H-M             'P 41 21 2' 
_symmetry.pdbx_full_space_group_name_H-M   ? 
_symmetry.cell_setting                     tetragonal 
_symmetry.Int_Tables_number                92 
# 
_exptl.entry_id          2D34 
_exptl.method            'X-RAY DIFFRACTION' 
_exptl.crystals_number   ? 
# 
_exptl_crystal.id                    1 
_exptl_crystal.density_meas          ? 
_exptl_crystal.density_Matthews      2.80 
_exptl_crystal.density_percent_sol   56.09 
_exptl_crystal.description           ? 
# 
_exptl_crystal_grow.crystal_id      1 
_exptl_crystal_grow.method          'VAPOR DIFFUSION' 
_exptl_crystal_grow.temp            ? 
_exptl_crystal_grow.temp_details    'ROOM TEMPERATURE' 
_exptl_crystal_grow.pH              6.00 
_exptl_crystal_grow.pdbx_details    'pH 6.00, VAPOR DIFFUSION' 
_exptl_crystal_grow.pdbx_pH_range   ? 
# 
loop_
_exptl_crystal_grow_comp.crystal_id 
_exptl_crystal_grow_comp.id 
_exptl_crystal_grow_comp.sol_id 
_exptl_crystal_grow_comp.name 
_exptl_crystal_grow_comp.volume 
_exptl_crystal_grow_comp.conc 
_exptl_crystal_grow_comp.details 
1 1 1 WATER           ? ? ? 
1 2 1 MPD             ? ? ? 
1 3 1 HCHO            ? ? ? 
1 4 1 BACL2           ? ? ? 
1 5 1 'NA CACODYLATE' ? ? ? 
1 6 1 SPERMINE        ? ? ? 
1 7 2 WATER           ? ? ? 
1 8 2 HCHO            ? ? ? 
1 9 2 MPD             ? ? ? 
# 
_diffrn.id                     1 
_diffrn.ambient_temp           298.00 
_diffrn.ambient_temp_details   ? 
_diffrn.crystal_id             1 
# 
_diffrn_detector.diffrn_id              1 
_diffrn_detector.detector               DIFFRACTOMETER 
_diffrn_detector.type                   'RIGAKU AFC-5R' 
_diffrn_detector.pdbx_collection_date   ? 
_diffrn_detector.details                ? 
# 
_diffrn_radiation.diffrn_id                        1 
_diffrn_radiation.wavelength_id                    1 
_diffrn_radiation.pdbx_monochromatic_or_laue_m_l   ? 
_diffrn_radiation.monochromator                    ? 
_diffrn_radiation.pdbx_diffrn_protocol             ? 
_diffrn_radiation.pdbx_scattering_type             x-ray 
# 
_diffrn_radiation_wavelength.id           1 
_diffrn_radiation_wavelength.wavelength   . 
_diffrn_radiation_wavelength.wt           1.0 
# 
_diffrn_source.diffrn_id                   1 
_diffrn_source.source                      'ROTATING ANODE' 
_diffrn_source.type                        ? 
_diffrn_source.pdbx_synchrotron_site       ? 
_diffrn_source.pdbx_synchrotron_beamline   ? 
_diffrn_source.pdbx_wavelength             ? 
_diffrn_source.pdbx_wavelength_list        ? 
# 
_reflns.entry_id                     2D34 
_reflns.observed_criterion_sigma_I   ? 
_reflns.observed_criterion_sigma_F   3.000 
_reflns.d_resolution_low             ? 
_reflns.d_resolution_high            1.500 
_reflns.number_obs                   1746 
_reflns.number_all                   ? 
_reflns.percent_possible_obs         ? 
_reflns.pdbx_Rmerge_I_obs            ? 
_reflns.pdbx_Rsym_value              ? 
_reflns.pdbx_netI_over_sigmaI        ? 
_reflns.B_iso_Wilson_estimate        ? 
_reflns.pdbx_redundancy              ? 
_reflns.pdbx_diffrn_id               1 
_reflns.pdbx_ordinal                 1 
# 
_refine.entry_id                                 2D34 
_refine.ls_number_reflns_obs                     1746 
_refine.ls_number_reflns_all                     ? 
_refine.pdbx_ls_sigma_I                          ? 
_refine.pdbx_ls_sigma_F                          3.000 
_refine.pdbx_data_cutoff_high_absF               ? 
_refine.pdbx_data_cutoff_low_absF                ? 
_refine.pdbx_data_cutoff_high_rms_absF           ? 
_refine.ls_d_res_low                             ? 
_refine.ls_d_res_high                            1.400 
_refine.ls_percent_reflns_obs                    ? 
_refine.ls_R_factor_obs                          0.178 
_refine.ls_R_factor_all                          ? 
_refine.ls_R_factor_R_work                       ? 
_refine.ls_R_factor_R_free                       ? 
_refine.ls_R_factor_R_free_error                 ? 
_refine.ls_R_factor_R_free_error_details         ? 
_refine.ls_percent_reflns_R_free                 ? 
_refine.ls_number_reflns_R_free                  ? 
_refine.ls_number_parameters                     ? 
_refine.ls_number_restraints                     ? 
_refine.occupancy_min                            ? 
_refine.occupancy_max                            ? 
_refine.B_iso_mean                               ? 
_refine.aniso_B[1][1]                            ? 
_refine.aniso_B[2][2]                            ? 
_refine.aniso_B[3][3]                            ? 
_refine.aniso_B[1][2]                            ? 
_refine.aniso_B[1][3]                            ? 
_refine.aniso_B[2][3]                            ? 
_refine.solvent_model_details                    ? 
_refine.solvent_model_param_ksol                 ? 
_refine.solvent_model_param_bsol                 ? 
_refine.pdbx_ls_cross_valid_method               ? 
_refine.details                                  ? 
_refine.pdbx_starting_model                      ? 
_refine.pdbx_method_to_determine_struct          ? 
_refine.pdbx_isotropic_thermal_model             ? 
_refine.pdbx_stereochemistry_target_values       ? 
_refine.pdbx_stereochem_target_val_spec_case     ? 
_refine.pdbx_R_Free_selection_details            ? 
_refine.pdbx_overall_ESU_R                       ? 
_refine.pdbx_overall_ESU_R_Free                  ? 
_refine.overall_SU_ML                            ? 
_refine.overall_SU_B                             ? 
_refine.pdbx_refine_id                           'X-RAY DIFFRACTION' 
_refine.pdbx_diffrn_id                           1 
_refine.pdbx_TLS_residual_ADP_flag               ? 
_refine.correlation_coeff_Fo_to_Fc               ? 
_refine.correlation_coeff_Fo_to_Fc_free          ? 
_refine.pdbx_solvent_vdw_probe_radii             ? 
_refine.pdbx_solvent_ion_probe_radii             ? 
_refine.pdbx_solvent_shrinkage_radii             ? 
_refine.pdbx_overall_phase_error                 ? 
_refine.overall_SU_R_Cruickshank_DPI             ? 
_refine.pdbx_overall_SU_R_free_Cruickshank_DPI   ? 
_refine.pdbx_overall_SU_R_Blow_DPI               ? 
_refine.pdbx_overall_SU_R_free_Blow_DPI          ? 
# 
_refine_hist.pdbx_refine_id                   'X-RAY DIFFRACTION' 
_refine_hist.cycle_id                         LAST 
_refine_hist.pdbx_number_atoms_protein        0 
_refine_hist.pdbx_number_atoms_nucleic_acid   120 
_refine_hist.pdbx_number_atoms_ligand         41 
_refine_hist.number_atoms_solvent             64 
_refine_hist.number_atoms_total               225 
_refine_hist.d_res_high                       1.400 
_refine_hist.d_res_low                        . 
# 
loop_
_refine_ls_restr.type 
_refine_ls_restr.dev_ideal 
_refine_ls_restr.dev_ideal_target 
_refine_ls_restr.weight 
_refine_ls_restr.number 
_refine_ls_restr.pdbx_refine_id 
_refine_ls_restr.pdbx_restraint_function 
n_bond_d               0.015 ? ? ? 'X-RAY DIFFRACTION' ? 
n_angle_d              ?     ? ? ? 'X-RAY DIFFRACTION' ? 
n_planar_d             ?     ? ? ? 'X-RAY DIFFRACTION' ? 
n_hb_or_metal_coord    ?     ? ? ? 'X-RAY DIFFRACTION' ? 
n_sugar_bond_it        ?     ? ? ? 'X-RAY DIFFRACTION' ? 
n_sugar_angle_it       ?     ? ? ? 'X-RAY DIFFRACTION' ? 
n_phos_bond_it         ?     ? ? ? 'X-RAY DIFFRACTION' ? 
n_phos_angle_it        ?     ? ? ? 'X-RAY DIFFRACTION' ? 
n_bond_angle_restr     ?     ? ? ? 'X-RAY DIFFRACTION' ? 
n_dihedral_angle_restr ?     ? ? ? 'X-RAY DIFFRACTION' ? 
n_impr_tor             ?     ? ? ? 'X-RAY DIFFRACTION' ? 
n_sugar_bond_d         ?     ? ? ? 'X-RAY DIFFRACTION' ? 
n_sugar_bond_angle_d   ?     ? ? ? 'X-RAY DIFFRACTION' ? 
n_phos_bond_d          ?     ? ? ? 'X-RAY DIFFRACTION' ? 
n_phos_bond_angle_d    ?     ? ? ? 'X-RAY DIFFRACTION' ? 
n_plane_restr          ?     ? ? ? 'X-RAY DIFFRACTION' ? 
n_chiral_restr         ?     ? ? ? 'X-RAY DIFFRACTION' ? 
n_singtor_nbd          ?     ? ? ? 'X-RAY DIFFRACTION' ? 
n_multtor_nbd          ?     ? ? ? 'X-RAY DIFFRACTION' ? 
n_xhyhbond_nbd         ?     ? ? ? 'X-RAY DIFFRACTION' ? 
# 
_struct.entry_id                  2D34 
_struct.title                     'FORMALDEHYDE CROSS-LINKS DAUNORUBICIN AND DNA EFFICIENTLY: HPLC AND X-RAY DIFFRACTION STUDIES' 
_struct.pdbx_model_details        ? 
_struct.pdbx_CASP_flag            ? 
_struct.pdbx_model_type_details   ? 
# 
_struct_keywords.entry_id        2D34 
_struct_keywords.pdbx_keywords   DNA 
_struct_keywords.text            'RIGHT HANDED DNA, DOUBLE HELIX, COMPLEXED WITH DRUG, MODIFIED, DNA' 
# 
loop_
_struct_asym.id 
_struct_asym.pdbx_blank_PDB_chainid_flag 
_struct_asym.pdbx_modified 
_struct_asym.entity_id 
_struct_asym.details 
A N N 1 ? 
B N N 2 ? 
C N N 3 ? 
D N N 4 ? 
# 
_struct_ref.id                         1 
_struct_ref.entity_id                  1 
_struct_ref.db_name                    PDB 
_struct_ref.db_code                    2D34 
_struct_ref.pdbx_db_accession          2D34 
_struct_ref.pdbx_db_isoform            ? 
_struct_ref.pdbx_seq_one_letter_code   ? 
_struct_ref.pdbx_align_begin           ? 
# 
_struct_ref_seq.align_id                      1 
_struct_ref_seq.ref_id                        1 
_struct_ref_seq.pdbx_PDB_id_code              2D34 
_struct_ref_seq.pdbx_strand_id                A 
_struct_ref_seq.seq_align_beg                 1 
_struct_ref_seq.pdbx_seq_align_beg_ins_code   ? 
_struct_ref_seq.seq_align_end                 6 
_struct_ref_seq.pdbx_seq_align_end_ins_code   ? 
_struct_ref_seq.pdbx_db_accession             2D34 
_struct_ref_seq.db_align_beg                  1 
_struct_ref_seq.pdbx_db_align_beg_ins_code    ? 
_struct_ref_seq.db_align_end                  6 
_struct_ref_seq.pdbx_db_align_end_ins_code    ? 
_struct_ref_seq.pdbx_auth_seq_align_beg       1 
_struct_ref_seq.pdbx_auth_seq_align_end       6 
# 
_pdbx_struct_assembly.id                   1 
_pdbx_struct_assembly.details              author_defined_assembly 
_pdbx_struct_assembly.method_details       ? 
_pdbx_struct_assembly.oligomeric_details   dimeric 
_pdbx_struct_assembly.oligomeric_count     2 
# 
_pdbx_struct_assembly_gen.assembly_id       1 
_pdbx_struct_assembly_gen.oper_expression   1,2 
_pdbx_struct_assembly_gen.asym_id_list      A,B,C,D 
# 
loop_
_pdbx_struct_oper_list.id 
_pdbx_struct_oper_list.type 
_pdbx_struct_oper_list.name 
_pdbx_struct_oper_list.symmetry_operation 
_pdbx_struct_oper_list.matrix[1][1] 
_pdbx_struct_oper_list.matrix[1][2] 
_pdbx_struct_oper_list.matrix[1][3] 
_pdbx_struct_oper_list.vector[1] 
_pdbx_struct_oper_list.matrix[2][1] 
_pdbx_struct_oper_list.matrix[2][2] 
_pdbx_struct_oper_list.matrix[2][3] 
_pdbx_struct_oper_list.vector[2] 
_pdbx_struct_oper_list.matrix[3][1] 
_pdbx_struct_oper_list.matrix[3][2] 
_pdbx_struct_oper_list.matrix[3][3] 
_pdbx_struct_oper_list.vector[3] 
1 'identity operation'         1_555 x,y,z            1.0000000000  0.0000000000 0.0000000000 0.0000000000  0.0000000000 1.0000000000 0.0000000000 0.0000000000 0.0000000000 0.0000000000 1.0000000000  0.0000000000  
2 'crystal symmetry operation' 8_665 -y+1,-x+1,-z+1/2 -0.7140614911 0.6927357033 0.1011604285 -2.0776677669 0.6927357033 0.6782725646 0.2450787088 1.7125397514 0.1011604285 0.2450787088 -0.9642110735 -5.8545838021 
# 
_struct_biol.id   1 
# 
loop_
_struct_conn.id 
_struct_conn.conn_type_id 
_struct_conn.pdbx_leaving_atom_flag 
_struct_conn.pdbx_PDB_id 
_struct_conn.ptnr1_label_asym_id 
_struct_conn.ptnr1_label_comp_id 
_struct_conn.ptnr1_label_seq_id 
_struct_conn.ptnr1_label_atom_id 
_struct_conn.pdbx_ptnr1_label_alt_id 
_struct_conn.pdbx_ptnr1_PDB_ins_code 
_struct_conn.pdbx_ptnr1_standard_comp_id 
_struct_conn.ptnr1_symmetry 
_struct_conn.ptnr2_label_asym_id 
_struct_conn.ptnr2_label_comp_id 
_struct_conn.ptnr2_label_seq_id 
_struct_conn.ptnr2_label_atom_id 
_struct_conn.pdbx_ptnr2_label_alt_id 
_struct_conn.pdbx_ptnr2_PDB_ins_code 
_struct_conn.ptnr1_auth_asym_id 
_struct_conn.ptnr1_auth_comp_id 
_struct_conn.ptnr1_auth_seq_id 
_struct_conn.ptnr2_auth_asym_id 
_struct_conn.ptnr2_auth_comp_id 
_struct_conn.ptnr2_auth_seq_id 
_struct_conn.ptnr2_symmetry 
_struct_conn.pdbx_ptnr3_label_atom_id 
_struct_conn.pdbx_ptnr3_label_seq_id 
_struct_conn.pdbx_ptnr3_label_comp_id 
_struct_conn.pdbx_ptnr3_label_asym_id 
_struct_conn.pdbx_ptnr3_label_alt_id 
_struct_conn.pdbx_ptnr3_PDB_ins_code 
_struct_conn.details 
_struct_conn.pdbx_dist_value 
_struct_conn.pdbx_value_order 
_struct_conn.pdbx_role 
covale1  covale both ? A DT  3 "O3'" ? ? ? 1_555 A A40 4 P     ? ? A DT  3 A A40 4  1_555 ? ? ? ? ? ? ?            1.588 ? ? 
covale2  covale one  ? A A40 4 "O3'" ? ? ? 1_555 A DC  5 P     ? ? A A40 4 A DC  5  1_555 ? ? ? ? ? ? ?            1.609 ? ? 
covale3  covale none ? A A40 4 CH2   ? ? ? 1_555 B DM1 . "N3'" ? ? A A40 4 A DM1 7  1_555 ? ? ? ? ? ? ?            1.529 ? ? 
metalc1  metalc ?    ? A DG  6 N7    ? ? ? 1_555 C MG  . MG    ? ? A DG  6 A MG  8  1_555 ? ? ? ? ? ? ?            2.859 ? ? 
metalc2  metalc ?    ? B DM1 . O4    ? ? ? 1_555 C MG  . MG    ? ? A DM1 7 A MG  8  1_555 ? ? ? ? ? ? ?            2.963 ? ? 
metalc3  metalc ?    ? C MG  . MG    ? ? ? 1_555 D HOH . O     ? ? A MG  8 A HOH 9  1_555 ? ? ? ? ? ? ?            2.923 ? ? 
metalc4  metalc ?    ? C MG  . MG    ? ? ? 1_555 D HOH . O     ? ? A MG  8 A HOH 10 1_555 ? ? ? ? ? ? ?            2.782 ? ? 
metalc5  metalc ?    ? C MG  . MG    ? ? ? 1_555 D HOH . O     ? ? A MG  8 A HOH 11 1_555 ? ? ? ? ? ? ?            2.738 ? ? 
hydrog1  hydrog ?    ? A DC  1 N3    ? ? ? 1_555 A DG  6 N1    ? ? A DC  1 A DG  6  8_665 ? ? ? ? ? ? WATSON-CRICK ?     ? ? 
hydrog2  hydrog ?    ? A DC  1 N4    ? ? ? 1_555 A DG  6 O6    ? ? A DC  1 A DG  6  8_665 ? ? ? ? ? ? WATSON-CRICK ?     ? ? 
hydrog3  hydrog ?    ? A DC  1 O2    ? ? ? 1_555 A DG  6 N2    ? ? A DC  1 A DG  6  8_665 ? ? ? ? ? ? WATSON-CRICK ?     ? ? 
hydrog4  hydrog ?    ? A DG  2 N1    ? ? ? 1_555 A DC  5 N3    ? ? A DG  2 A DC  5  8_665 ? ? ? ? ? ? WATSON-CRICK ?     ? ? 
hydrog5  hydrog ?    ? A DG  2 N2    ? ? ? 1_555 A DC  5 O2    ? ? A DG  2 A DC  5  8_665 ? ? ? ? ? ? WATSON-CRICK ?     ? ? 
hydrog6  hydrog ?    ? A DG  2 O6    ? ? ? 1_555 A DC  5 N4    ? ? A DG  2 A DC  5  8_665 ? ? ? ? ? ? WATSON-CRICK ?     ? ? 
hydrog7  hydrog ?    ? A DT  3 N3    ? ? ? 1_555 A A40 4 N1    ? ? A DT  3 A A40 4  8_665 ? ? ? ? ? ? WATSON-CRICK ?     ? ? 
hydrog8  hydrog ?    ? A DT  3 O4    ? ? ? 1_555 A A40 4 N6    ? ? A DT  3 A A40 4  8_665 ? ? ? ? ? ? WATSON-CRICK ?     ? ? 
hydrog9  hydrog ?    ? A A40 4 N1    ? ? ? 1_555 A DT  3 N3    ? ? A A40 4 A DT  3  8_665 ? ? ? ? ? ? WATSON-CRICK ?     ? ? 
hydrog10 hydrog ?    ? A A40 4 N6    ? ? ? 1_555 A DT  3 O4    ? ? A A40 4 A DT  3  8_665 ? ? ? ? ? ? WATSON-CRICK ?     ? ? 
hydrog11 hydrog ?    ? A DC  5 N3    ? ? ? 1_555 A DG  2 N1    ? ? A DC  5 A DG  2  8_665 ? ? ? ? ? ? WATSON-CRICK ?     ? ? 
hydrog12 hydrog ?    ? A DC  5 N4    ? ? ? 1_555 A DG  2 O6    ? ? A DC  5 A DG  2  8_665 ? ? ? ? ? ? WATSON-CRICK ?     ? ? 
hydrog13 hydrog ?    ? A DC  5 O2    ? ? ? 1_555 A DG  2 N2    ? ? A DC  5 A DG  2  8_665 ? ? ? ? ? ? WATSON-CRICK ?     ? ? 
hydrog14 hydrog ?    ? A DG  6 N1    ? ? ? 1_555 A DC  1 N3    ? ? A DG  6 A DC  1  8_665 ? ? ? ? ? ? WATSON-CRICK ?     ? ? 
hydrog15 hydrog ?    ? A DG  6 N2    ? ? ? 1_555 A DC  1 O2    ? ? A DG  6 A DC  1  8_665 ? ? ? ? ? ? WATSON-CRICK ?     ? ? 
hydrog16 hydrog ?    ? A DG  6 O6    ? ? ? 1_555 A DC  1 N4    ? ? A DG  6 A DC  1  8_665 ? ? ? ? ? ? WATSON-CRICK ?     ? ? 
# 
loop_
_struct_conn_type.id 
_struct_conn_type.criteria 
_struct_conn_type.reference 
covale ? ? 
metalc ? ? 
hydrog ? ? 
# 
loop_
_pdbx_struct_conn_angle.id 
_pdbx_struct_conn_angle.ptnr1_label_atom_id 
_pdbx_struct_conn_angle.ptnr1_label_alt_id 
_pdbx_struct_conn_angle.ptnr1_label_asym_id 
_pdbx_struct_conn_angle.ptnr1_label_comp_id 
_pdbx_struct_conn_angle.ptnr1_label_seq_id 
_pdbx_struct_conn_angle.ptnr1_auth_atom_id 
_pdbx_struct_conn_angle.ptnr1_auth_asym_id 
_pdbx_struct_conn_angle.ptnr1_auth_comp_id 
_pdbx_struct_conn_angle.ptnr1_auth_seq_id 
_pdbx_struct_conn_angle.ptnr1_PDB_ins_code 
_pdbx_struct_conn_angle.ptnr1_symmetry 
_pdbx_struct_conn_angle.ptnr2_label_atom_id 
_pdbx_struct_conn_angle.ptnr2_label_alt_id 
_pdbx_struct_conn_angle.ptnr2_label_asym_id 
_pdbx_struct_conn_angle.ptnr2_label_comp_id 
_pdbx_struct_conn_angle.ptnr2_label_seq_id 
_pdbx_struct_conn_angle.ptnr2_auth_atom_id 
_pdbx_struct_conn_angle.ptnr2_auth_asym_id 
_pdbx_struct_conn_angle.ptnr2_auth_comp_id 
_pdbx_struct_conn_angle.ptnr2_auth_seq_id 
_pdbx_struct_conn_angle.ptnr2_PDB_ins_code 
_pdbx_struct_conn_angle.ptnr2_symmetry 
_pdbx_struct_conn_angle.ptnr3_label_atom_id 
_pdbx_struct_conn_angle.ptnr3_label_alt_id 
_pdbx_struct_conn_angle.ptnr3_label_asym_id 
_pdbx_struct_conn_angle.ptnr3_label_comp_id 
_pdbx_struct_conn_angle.ptnr3_label_seq_id 
_pdbx_struct_conn_angle.ptnr3_auth_atom_id 
_pdbx_struct_conn_angle.ptnr3_auth_asym_id 
_pdbx_struct_conn_angle.ptnr3_auth_comp_id 
_pdbx_struct_conn_angle.ptnr3_auth_seq_id 
_pdbx_struct_conn_angle.ptnr3_PDB_ins_code 
_pdbx_struct_conn_angle.ptnr3_symmetry 
_pdbx_struct_conn_angle.value 
_pdbx_struct_conn_angle.value_esd 
1  N7 ? A DG  6 ? A DG  6  ? 1_555 MG ? C MG . ? A MG 8 ? 1_555 O4 ? B DM1 . ? A DM1 7  ? 1_555 118.7 ? 
2  N7 ? A DG  6 ? A DG  6  ? 1_555 MG ? C MG . ? A MG 8 ? 1_555 O  ? D HOH . ? A HOH 9  ? 1_555 93.8  ? 
3  O4 ? B DM1 . ? A DM1 7  ? 1_555 MG ? C MG . ? A MG 8 ? 1_555 O  ? D HOH . ? A HOH 9  ? 1_555 81.2  ? 
4  N7 ? A DG  6 ? A DG  6  ? 1_555 MG ? C MG . ? A MG 8 ? 1_555 O  ? D HOH . ? A HOH 10 ? 1_555 92.4  ? 
5  O4 ? B DM1 . ? A DM1 7  ? 1_555 MG ? C MG . ? A MG 8 ? 1_555 O  ? D HOH . ? A HOH 10 ? 1_555 104.1 ? 
6  O  ? D HOH . ? A HOH 9  ? 1_555 MG ? C MG . ? A MG 8 ? 1_555 O  ? D HOH . ? A HOH 10 ? 1_555 168.6 ? 
7  N7 ? A DG  6 ? A DG  6  ? 1_555 MG ? C MG . ? A MG 8 ? 1_555 O  ? D HOH . ? A HOH 11 ? 1_555 115.3 ? 
8  O4 ? B DM1 . ? A DM1 7  ? 1_555 MG ? C MG . ? A MG 8 ? 1_555 O  ? D HOH . ? A HOH 11 ? 1_555 121.9 ? 
9  O  ? D HOH . ? A HOH 9  ? 1_555 MG ? C MG . ? A MG 8 ? 1_555 O  ? D HOH . ? A HOH 11 ? 1_555 75.3  ? 
10 O  ? D HOH . ? A HOH 10 ? 1_555 MG ? C MG . ? A MG 8 ? 1_555 O  ? D HOH . ? A HOH 11 ? 1_555 93.4  ? 
# 
loop_
_struct_site.id 
_struct_site.pdbx_evidence_code 
_struct_site.pdbx_auth_asym_id 
_struct_site.pdbx_auth_comp_id 
_struct_site.pdbx_auth_seq_id 
_struct_site.pdbx_auth_ins_code 
_struct_site.pdbx_num_residues 
_struct_site.details 
AC1 Software A DM1 7 ? 12 'BINDING SITE FOR RESIDUE DM1 A 7' 
AC2 Software A MG  8 ? 5  'BINDING SITE FOR RESIDUE MG A 8'  
1   ?        ? ?   ? ? ?  ?                                  
# 
loop_
_struct_site_gen.id 
_struct_site_gen.site_id 
_struct_site_gen.pdbx_num_res 
_struct_site_gen.label_comp_id 
_struct_site_gen.label_asym_id 
_struct_site_gen.label_seq_id 
_struct_site_gen.pdbx_auth_ins_code 
_struct_site_gen.auth_comp_id 
_struct_site_gen.auth_asym_id 
_struct_site_gen.auth_seq_id 
_struct_site_gen.label_atom_id 
_struct_site_gen.label_alt_id 
_struct_site_gen.symmetry 
_struct_site_gen.details 
1  AC1 12 DC  A 1 ? DC  A 1  . ? 8_665 ? 
2  AC1 12 DG  A 2 ? DG  A 2  . ? 8_665 ? 
3  AC1 12 DT  A 3 ? DT  A 3  . ? 8_665 ? 
4  AC1 12 A40 A 4 ? A40 A 4  . ? 1_555 ? 
5  AC1 12 DC  A 5 ? DC  A 5  . ? 1_555 ? 
6  AC1 12 DG  A 6 ? DG  A 6  . ? 1_555 ? 
7  AC1 12 MG  C . ? MG  A 8  . ? 1_555 ? 
8  AC1 12 HOH D . ? HOH A 16 . ? 1_555 ? 
9  AC1 12 HOH D . ? HOH A 32 . ? 1_555 ? 
10 AC1 12 HOH D . ? HOH A 35 . ? 1_555 ? 
11 AC1 12 HOH D . ? HOH A 37 . ? 1_555 ? 
12 AC1 12 HOH D . ? HOH A 45 . ? 1_555 ? 
13 AC2 5  DG  A 6 ? DG  A 6  . ? 1_555 ? 
14 AC2 5  DM1 B . ? DM1 A 7  . ? 1_555 ? 
15 AC2 5  HOH D . ? HOH A 9  . ? 1_555 ? 
16 AC2 5  HOH D . ? HOH A 10 . ? 1_555 ? 
17 AC2 5  HOH D . ? HOH A 11 . ? 1_555 ? 
# 
loop_
_pdbx_validate_close_contact.id 
_pdbx_validate_close_contact.PDB_model_num 
_pdbx_validate_close_contact.auth_atom_id_1 
_pdbx_validate_close_contact.auth_asym_id_1 
_pdbx_validate_close_contact.auth_comp_id_1 
_pdbx_validate_close_contact.auth_seq_id_1 
_pdbx_validate_close_contact.PDB_ins_code_1 
_pdbx_validate_close_contact.label_alt_id_1 
_pdbx_validate_close_contact.auth_atom_id_2 
_pdbx_validate_close_contact.auth_asym_id_2 
_pdbx_validate_close_contact.auth_comp_id_2 
_pdbx_validate_close_contact.auth_seq_id_2 
_pdbx_validate_close_contact.PDB_ins_code_2 
_pdbx_validate_close_contact.label_alt_id_2 
_pdbx_validate_close_contact.dist 
1 1 O A HOH 70 ? ? O A HOH 72 ? ? 1.45 
2 1 O A HOH 67 ? ? O A HOH 68 ? ? 1.45 
3 1 O A HOH 67 ? ? O A HOH 69 ? ? 1.46 
4 1 O A HOH 70 ? ? O A HOH 71 ? ? 1.46 
# 
loop_
_pdbx_validate_symm_contact.id 
_pdbx_validate_symm_contact.PDB_model_num 
_pdbx_validate_symm_contact.auth_atom_id_1 
_pdbx_validate_symm_contact.auth_asym_id_1 
_pdbx_validate_symm_contact.auth_comp_id_1 
_pdbx_validate_symm_contact.auth_seq_id_1 
_pdbx_validate_symm_contact.PDB_ins_code_1 
_pdbx_validate_symm_contact.label_alt_id_1 
_pdbx_validate_symm_contact.site_symmetry_1 
_pdbx_validate_symm_contact.auth_atom_id_2 
_pdbx_validate_symm_contact.auth_asym_id_2 
_pdbx_validate_symm_contact.auth_comp_id_2 
_pdbx_validate_symm_contact.auth_seq_id_2 
_pdbx_validate_symm_contact.PDB_ins_code_2 
_pdbx_validate_symm_contact.label_alt_id_2 
_pdbx_validate_symm_contact.site_symmetry_2 
_pdbx_validate_symm_contact.dist 
1 1 O A HOH 64 ? ? 1_555 O A HOH 65 ? ? 4_454 1.45 
2 1 O A HOH 64 ? ? 1_555 O A HOH 66 ? ? 8_665 1.46 
# 
_pdbx_validate_rmsd_bond.id                        1 
_pdbx_validate_rmsd_bond.PDB_model_num             1 
_pdbx_validate_rmsd_bond.auth_atom_id_1            P 
_pdbx_validate_rmsd_bond.auth_asym_id_1            A 
_pdbx_validate_rmsd_bond.auth_comp_id_1            DC 
_pdbx_validate_rmsd_bond.auth_seq_id_1             5 
_pdbx_validate_rmsd_bond.PDB_ins_code_1            ? 
_pdbx_validate_rmsd_bond.label_alt_id_1            ? 
_pdbx_validate_rmsd_bond.auth_atom_id_2            "O5'" 
_pdbx_validate_rmsd_bond.auth_asym_id_2            A 
_pdbx_validate_rmsd_bond.auth_comp_id_2            DC 
_pdbx_validate_rmsd_bond.auth_seq_id_2             5 
_pdbx_validate_rmsd_bond.PDB_ins_code_2            ? 
_pdbx_validate_rmsd_bond.label_alt_id_2            ? 
_pdbx_validate_rmsd_bond.bond_value                1.660 
_pdbx_validate_rmsd_bond.bond_target_value         1.593 
_pdbx_validate_rmsd_bond.bond_deviation            0.067 
_pdbx_validate_rmsd_bond.bond_standard_deviation   0.010 
_pdbx_validate_rmsd_bond.linker_flag               N 
# 
loop_
_pdbx_validate_rmsd_angle.id 
_pdbx_validate_rmsd_angle.PDB_model_num 
_pdbx_validate_rmsd_angle.auth_atom_id_1 
_pdbx_validate_rmsd_angle.auth_asym_id_1 
_pdbx_validate_rmsd_angle.auth_comp_id_1 
_pdbx_validate_rmsd_angle.auth_seq_id_1 
_pdbx_validate_rmsd_angle.PDB_ins_code_1 
_pdbx_validate_rmsd_angle.label_alt_id_1 
_pdbx_validate_rmsd_angle.auth_atom_id_2 
_pdbx_validate_rmsd_angle.auth_asym_id_2 
_pdbx_validate_rmsd_angle.auth_comp_id_2 
_pdbx_validate_rmsd_angle.auth_seq_id_2 
_pdbx_validate_rmsd_angle.PDB_ins_code_2 
_pdbx_validate_rmsd_angle.label_alt_id_2 
_pdbx_validate_rmsd_angle.auth_atom_id_3 
_pdbx_validate_rmsd_angle.auth_asym_id_3 
_pdbx_validate_rmsd_angle.auth_comp_id_3 
_pdbx_validate_rmsd_angle.auth_seq_id_3 
_pdbx_validate_rmsd_angle.PDB_ins_code_3 
_pdbx_validate_rmsd_angle.label_alt_id_3 
_pdbx_validate_rmsd_angle.angle_value 
_pdbx_validate_rmsd_angle.angle_target_value 
_pdbx_validate_rmsd_angle.angle_deviation 
_pdbx_validate_rmsd_angle.angle_standard_deviation 
_pdbx_validate_rmsd_angle.linker_flag 
1  1 "O5'" A DC 1 ? ? "C5'" A DC 1 ? ? "C4'" A DC  1 ? ? 103.90 109.40 -5.50  0.80 N 
2  1 "O4'" A DC 1 ? ? "C1'" A DC 1 ? ? N1    A DC  1 ? ? 111.47 108.30 3.17   0.30 N 
3  1 "C3'" A DC 1 ? ? "O3'" A DC 1 ? ? P     A DG  2 ? ? 132.79 119.70 13.09  1.20 Y 
4  1 "C3'" A DG 2 ? ? "C2'" A DG 2 ? ? "C1'" A DG  2 ? ? 96.07  102.40 -6.33  0.80 N 
5  1 "O4'" A DG 2 ? ? "C1'" A DG 2 ? ? N9    A DG  2 ? ? 114.91 108.30 6.61   0.30 N 
6  1 C5    A DG 2 ? ? C6    A DG 2 ? ? N1    A DG  2 ? ? 114.77 111.50 3.27   0.50 N 
7  1 OP1   A DT 3 ? ? P     A DT 3 ? ? OP2   A DT  3 ? ? 110.57 119.60 -9.03  1.50 N 
8  1 "O5'" A DT 3 ? ? P     A DT 3 ? ? OP2   A DT  3 ? ? 120.58 110.70 9.88   1.20 N 
9  1 N1    A DT 3 ? ? C2    A DT 3 ? ? N3    A DT  3 ? ? 118.39 114.60 3.79   0.60 N 
10 1 C2    A DT 3 ? ? N3    A DT 3 ? ? C4    A DT  3 ? ? 121.64 127.20 -5.56  0.60 N 
11 1 N3    A DT 3 ? ? C4    A DT 3 ? ? C5    A DT  3 ? ? 120.02 115.20 4.82   0.60 N 
12 1 N1    A DT 3 ? ? C2    A DT 3 ? ? O2    A DT  3 ? ? 118.16 123.10 -4.94  0.80 N 
13 1 "C3'" A DT 3 ? ? "O3'" A DT 3 ? ? P     A A40 4 ? ? 131.85 119.70 12.15  1.20 Y 
14 1 "O4'" A DC 5 ? ? "C1'" A DC 5 ? ? N1    A DC  5 ? ? 120.06 108.30 11.76  0.30 N 
15 1 "O3'" A DC 5 ? ? P     A DG 6 ? ? OP2   A DG  6 ? ? 91.56  105.20 -13.64 2.20 Y 
16 1 C5    A DG 6 ? ? C6    A DG 6 ? ? N1    A DG  6 ? ? 114.91 111.50 3.41   0.50 N 
17 1 C5    A DG 6 ? ? C6    A DG 6 ? ? O6    A DG  6 ? ? 123.73 128.60 -4.87  0.60 N 
# 
_pdbx_struct_mod_residue.id               1 
_pdbx_struct_mod_residue.label_asym_id    A 
_pdbx_struct_mod_residue.label_comp_id    A40 
_pdbx_struct_mod_residue.label_seq_id     4 
_pdbx_struct_mod_residue.auth_asym_id     A 
_pdbx_struct_mod_residue.auth_comp_id     A40 
_pdbx_struct_mod_residue.auth_seq_id      4 
_pdbx_struct_mod_residue.PDB_ins_code     ? 
_pdbx_struct_mod_residue.parent_comp_id   DA 
_pdbx_struct_mod_residue.details          ? 
# 
_struct_site_keywords.site_id   1 
_struct_site_keywords.text      'INTERCALATION, COVALENT' 
# 
loop_
_refine_B_iso.class 
_refine_B_iso.details 
_refine_B_iso.treatment 
_refine_B_iso.pdbx_refine_id 
'ALL ATOMS'  TR isotropic 'X-RAY DIFFRACTION' 
'ALL WATERS' TR isotropic 'X-RAY DIFFRACTION' 
# 
loop_
_refine_occupancy.class 
_refine_occupancy.treatment 
_refine_occupancy.pdbx_refine_id 
'ALL ATOMS'  fix 'X-RAY DIFFRACTION' 
'ALL WATERS' fix 'X-RAY DIFFRACTION' 
# 
loop_
_chem_comp_atom.comp_id 
_chem_comp_atom.atom_id 
_chem_comp_atom.type_symbol 
_chem_comp_atom.pdbx_aromatic_flag 
_chem_comp_atom.pdbx_stereo_config 
_chem_comp_atom.pdbx_ordinal 
A40 N1     N  Y N 1   
A40 C2     C  Y N 2   
A40 C4     C  Y N 3   
A40 C5     C  Y N 4   
A40 C6     C  Y N 5   
A40 C8     C  Y N 6   
A40 N2     N  N N 7   
A40 N3     N  Y N 8   
A40 N9     N  Y N 9   
A40 N7     N  Y N 10  
A40 N6     N  N N 11  
A40 P      P  N N 12  
A40 O1P    O  N N 13  
A40 O2P    O  N N 14  
A40 "O5'"  O  N N 15  
A40 "C5'"  C  N N 16  
A40 "C4'"  C  N R 17  
A40 "O4'"  O  N N 18  
A40 "C1'"  C  N R 19  
A40 "C2'"  C  N N 20  
A40 "C3'"  C  N S 21  
A40 "O3'"  O  N N 22  
A40 O3P    O  N N 23  
A40 CH2    C  N N 24  
A40 H8     H  N N 25  
A40 H2     H  N N 26  
A40 H6N1   H  N N 27  
A40 H6N2   H  N N 28  
A40 H2P    H  N N 29  
A40 "H5'1" H  N N 30  
A40 "H5'2" H  N N 31  
A40 "H4'"  H  N N 32  
A40 "H1'"  H  N N 33  
A40 "H2'1" H  N N 34  
A40 "H2'2" H  N N 35  
A40 "H3'"  H  N N 36  
A40 HA     H  N N 37  
A40 H3P    H  N N 38  
A40 HH21   H  N N 39  
A40 HH22   H  N N 40  
A40 HH23   H  N N 41  
DC  OP3    O  N N 42  
DC  P      P  N N 43  
DC  OP1    O  N N 44  
DC  OP2    O  N N 45  
DC  "O5'"  O  N N 46  
DC  "C5'"  C  N N 47  
DC  "C4'"  C  N R 48  
DC  "O4'"  O  N N 49  
DC  "C3'"  C  N S 50  
DC  "O3'"  O  N N 51  
DC  "C2'"  C  N N 52  
DC  "C1'"  C  N R 53  
DC  N1     N  N N 54  
DC  C2     C  N N 55  
DC  O2     O  N N 56  
DC  N3     N  N N 57  
DC  C4     C  N N 58  
DC  N4     N  N N 59  
DC  C5     C  N N 60  
DC  C6     C  N N 61  
DC  HOP3   H  N N 62  
DC  HOP2   H  N N 63  
DC  "H5'"  H  N N 64  
DC  "H5''" H  N N 65  
DC  "H4'"  H  N N 66  
DC  "H3'"  H  N N 67  
DC  "HO3'" H  N N 68  
DC  "H2'"  H  N N 69  
DC  "H2''" H  N N 70  
DC  "H1'"  H  N N 71  
DC  H41    H  N N 72  
DC  H42    H  N N 73  
DC  H5     H  N N 74  
DC  H6     H  N N 75  
DG  OP3    O  N N 76  
DG  P      P  N N 77  
DG  OP1    O  N N 78  
DG  OP2    O  N N 79  
DG  "O5'"  O  N N 80  
DG  "C5'"  C  N N 81  
DG  "C4'"  C  N R 82  
DG  "O4'"  O  N N 83  
DG  "C3'"  C  N S 84  
DG  "O3'"  O  N N 85  
DG  "C2'"  C  N N 86  
DG  "C1'"  C  N R 87  
DG  N9     N  Y N 88  
DG  C8     C  Y N 89  
DG  N7     N  Y N 90  
DG  C5     C  Y N 91  
DG  C6     C  N N 92  
DG  O6     O  N N 93  
DG  N1     N  N N 94  
DG  C2     C  N N 95  
DG  N2     N  N N 96  
DG  N3     N  N N 97  
DG  C4     C  Y N 98  
DG  HOP3   H  N N 99  
DG  HOP2   H  N N 100 
DG  "H5'"  H  N N 101 
DG  "H5''" H  N N 102 
DG  "H4'"  H  N N 103 
DG  "H3'"  H  N N 104 
DG  "HO3'" H  N N 105 
DG  "H2'"  H  N N 106 
DG  "H2''" H  N N 107 
DG  "H1'"  H  N N 108 
DG  H8     H  N N 109 
DG  H1     H  N N 110 
DG  H21    H  N N 111 
DG  H22    H  N N 112 
DM1 C1     C  Y N 113 
DM1 C2     C  Y N 114 
DM1 C3     C  Y N 115 
DM1 C4     C  Y N 116 
DM1 O4     O  N N 117 
DM1 C5     C  Y N 118 
DM1 C6     C  N N 119 
DM1 O6     O  N N 120 
DM1 C7     C  Y N 121 
DM1 C8     C  Y N 122 
DM1 O8     O  N N 123 
DM1 C9     C  Y N 124 
DM1 C10    C  N S 125 
DM1 O10    O  N N 126 
DM1 C11    C  N N 127 
DM1 C12    C  N S 128 
DM1 O12    O  N N 129 
DM1 C13    C  N N 130 
DM1 O13    O  N N 131 
DM1 C14    C  N N 132 
DM1 C15    C  N N 133 
DM1 C16    C  Y N 134 
DM1 C17    C  Y N 135 
DM1 O17    O  N N 136 
DM1 C18    C  Y N 137 
DM1 C19    C  N N 138 
DM1 O19    O  N N 139 
DM1 C20    C  Y N 140 
DM1 C21    C  N N 141 
DM1 "C1'"  C  N R 142 
DM1 "C2'"  C  N N 143 
DM1 "C3'"  C  N S 144 
DM1 "N3'"  N  N N 145 
DM1 "C4'"  C  N S 146 
DM1 "O4'"  O  N N 147 
DM1 "C5'"  C  N S 148 
DM1 "O5'"  O  N N 149 
DM1 "C6'"  C  N N 150 
DM1 H1     H  N N 151 
DM1 H2     H  N N 152 
DM1 H3     H  N N 153 
DM1 HO8    H  N N 154 
DM1 H10    H  N N 155 
DM1 H111   H  N N 156 
DM1 H112   H  N N 157 
DM1 HO12   H  N N 158 
DM1 H141   H  N N 159 
DM1 H142   H  N N 160 
DM1 H143   H  N N 161 
DM1 H151   H  N N 162 
DM1 H152   H  N N 163 
DM1 HO17   H  N N 164 
DM1 H211   H  N N 165 
DM1 H212   H  N N 166 
DM1 H213   H  N N 167 
DM1 "H1'"  H  N N 168 
DM1 "H2'1" H  N N 169 
DM1 "H2'2" H  N N 170 
DM1 "H3'"  H  N N 171 
DM1 "HN'1" H  N N 172 
DM1 "HN'2" H  N N 173 
DM1 "H4'"  H  N N 174 
DM1 "HO4'" H  N N 175 
DM1 "H5'"  H  N N 176 
DM1 "H6'1" H  N N 177 
DM1 "H6'2" H  N N 178 
DM1 "H6'3" H  N N 179 
DT  OP3    O  N N 180 
DT  P      P  N N 181 
DT  OP1    O  N N 182 
DT  OP2    O  N N 183 
DT  "O5'"  O  N N 184 
DT  "C5'"  C  N N 185 
DT  "C4'"  C  N R 186 
DT  "O4'"  O  N N 187 
DT  "C3'"  C  N S 188 
DT  "O3'"  O  N N 189 
DT  "C2'"  C  N N 190 
DT  "C1'"  C  N R 191 
DT  N1     N  N N 192 
DT  C2     C  N N 193 
DT  O2     O  N N 194 
DT  N3     N  N N 195 
DT  C4     C  N N 196 
DT  O4     O  N N 197 
DT  C5     C  N N 198 
DT  C7     C  N N 199 
DT  C6     C  N N 200 
DT  HOP3   H  N N 201 
DT  HOP2   H  N N 202 
DT  "H5'"  H  N N 203 
DT  "H5''" H  N N 204 
DT  "H4'"  H  N N 205 
DT  "H3'"  H  N N 206 
DT  "HO3'" H  N N 207 
DT  "H2'"  H  N N 208 
DT  "H2''" H  N N 209 
DT  "H1'"  H  N N 210 
DT  H3     H  N N 211 
DT  H71    H  N N 212 
DT  H72    H  N N 213 
DT  H73    H  N N 214 
DT  H6     H  N N 215 
HOH O      O  N N 216 
HOH H1     H  N N 217 
HOH H2     H  N N 218 
MG  MG     MG N N 219 
# 
loop_
_chem_comp_bond.comp_id 
_chem_comp_bond.atom_id_1 
_chem_comp_bond.atom_id_2 
_chem_comp_bond.value_order 
_chem_comp_bond.pdbx_aromatic_flag 
_chem_comp_bond.pdbx_stereo_config 
_chem_comp_bond.pdbx_ordinal 
A40 N1    C2     doub Y N 1   
A40 N1    C6     sing Y N 2   
A40 C2    N2     sing N N 3   
A40 C2    N3     sing Y N 4   
A40 C4    C5     sing Y N 5   
A40 C4    N3     doub Y N 6   
A40 C4    N9     sing Y N 7   
A40 C5    C6     doub Y N 8   
A40 C5    N7     sing Y N 9   
A40 C6    N6     sing N N 10  
A40 C8    N9     sing Y N 11  
A40 C8    N7     doub Y N 12  
A40 C8    H8     sing N N 13  
A40 N2    CH2    sing N N 14  
A40 N2    H2     sing N N 15  
A40 N9    "C1'"  sing N N 16  
A40 N6    H6N1   sing N N 17  
A40 N6    H6N2   sing N N 18  
A40 P     O1P    doub N N 19  
A40 P     O2P    sing N N 20  
A40 P     "O5'"  sing N N 21  
A40 P     O3P    sing N N 22  
A40 O2P   H2P    sing N N 23  
A40 "O5'" "C5'"  sing N N 24  
A40 "C5'" "C4'"  sing N N 25  
A40 "C5'" "H5'1" sing N N 26  
A40 "C5'" "H5'2" sing N N 27  
A40 "C4'" "O4'"  sing N N 28  
A40 "C4'" "C3'"  sing N N 29  
A40 "C4'" "H4'"  sing N N 30  
A40 "O4'" "C1'"  sing N N 31  
A40 "C1'" "C2'"  sing N N 32  
A40 "C1'" "H1'"  sing N N 33  
A40 "C2'" "C3'"  sing N N 34  
A40 "C2'" "H2'1" sing N N 35  
A40 "C2'" "H2'2" sing N N 36  
A40 "C3'" "O3'"  sing N N 37  
A40 "C3'" "H3'"  sing N N 38  
A40 "O3'" HA     sing N N 39  
A40 O3P   H3P    sing N N 40  
A40 CH2   HH21   sing N N 41  
A40 CH2   HH22   sing N N 42  
A40 CH2   HH23   sing N N 43  
DC  OP3   P      sing N N 44  
DC  OP3   HOP3   sing N N 45  
DC  P     OP1    doub N N 46  
DC  P     OP2    sing N N 47  
DC  P     "O5'"  sing N N 48  
DC  OP2   HOP2   sing N N 49  
DC  "O5'" "C5'"  sing N N 50  
DC  "C5'" "C4'"  sing N N 51  
DC  "C5'" "H5'"  sing N N 52  
DC  "C5'" "H5''" sing N N 53  
DC  "C4'" "O4'"  sing N N 54  
DC  "C4'" "C3'"  sing N N 55  
DC  "C4'" "H4'"  sing N N 56  
DC  "O4'" "C1'"  sing N N 57  
DC  "C3'" "O3'"  sing N N 58  
DC  "C3'" "C2'"  sing N N 59  
DC  "C3'" "H3'"  sing N N 60  
DC  "O3'" "HO3'" sing N N 61  
DC  "C2'" "C1'"  sing N N 62  
DC  "C2'" "H2'"  sing N N 63  
DC  "C2'" "H2''" sing N N 64  
DC  "C1'" N1     sing N N 65  
DC  "C1'" "H1'"  sing N N 66  
DC  N1    C2     sing N N 67  
DC  N1    C6     sing N N 68  
DC  C2    O2     doub N N 69  
DC  C2    N3     sing N N 70  
DC  N3    C4     doub N N 71  
DC  C4    N4     sing N N 72  
DC  C4    C5     sing N N 73  
DC  N4    H41    sing N N 74  
DC  N4    H42    sing N N 75  
DC  C5    C6     doub N N 76  
DC  C5    H5     sing N N 77  
DC  C6    H6     sing N N 78  
DG  OP3   P      sing N N 79  
DG  OP3   HOP3   sing N N 80  
DG  P     OP1    doub N N 81  
DG  P     OP2    sing N N 82  
DG  P     "O5'"  sing N N 83  
DG  OP2   HOP2   sing N N 84  
DG  "O5'" "C5'"  sing N N 85  
DG  "C5'" "C4'"  sing N N 86  
DG  "C5'" "H5'"  sing N N 87  
DG  "C5'" "H5''" sing N N 88  
DG  "C4'" "O4'"  sing N N 89  
DG  "C4'" "C3'"  sing N N 90  
DG  "C4'" "H4'"  sing N N 91  
DG  "O4'" "C1'"  sing N N 92  
DG  "C3'" "O3'"  sing N N 93  
DG  "C3'" "C2'"  sing N N 94  
DG  "C3'" "H3'"  sing N N 95  
DG  "O3'" "HO3'" sing N N 96  
DG  "C2'" "C1'"  sing N N 97  
DG  "C2'" "H2'"  sing N N 98  
DG  "C2'" "H2''" sing N N 99  
DG  "C1'" N9     sing N N 100 
DG  "C1'" "H1'"  sing N N 101 
DG  N9    C8     sing Y N 102 
DG  N9    C4     sing Y N 103 
DG  C8    N7     doub Y N 104 
DG  C8    H8     sing N N 105 
DG  N7    C5     sing Y N 106 
DG  C5    C6     sing N N 107 
DG  C5    C4     doub Y N 108 
DG  C6    O6     doub N N 109 
DG  C6    N1     sing N N 110 
DG  N1    C2     sing N N 111 
DG  N1    H1     sing N N 112 
DG  C2    N2     sing N N 113 
DG  C2    N3     doub N N 114 
DG  N2    H21    sing N N 115 
DG  N2    H22    sing N N 116 
DG  N3    C4     sing N N 117 
DM1 C1    C2     doub Y N 118 
DM1 C1    C20    sing Y N 119 
DM1 C1    H1     sing N N 120 
DM1 C2    C3     sing Y N 121 
DM1 C2    H2     sing N N 122 
DM1 C3    C4     doub Y N 123 
DM1 C3    H3     sing N N 124 
DM1 C4    O4     sing N N 125 
DM1 C4    C5     sing Y N 126 
DM1 O4    C21    sing N N 127 
DM1 C5    C6     sing N N 128 
DM1 C5    C20    doub Y N 129 
DM1 C6    O6     doub N N 130 
DM1 C6    C7     sing N N 131 
DM1 C7    C8     doub Y N 132 
DM1 C7    C18    sing Y N 133 
DM1 C8    O8     sing N N 134 
DM1 C8    C9     sing Y N 135 
DM1 O8    HO8    sing N N 136 
DM1 C9    C10    sing N N 137 
DM1 C9    C16    doub Y N 138 
DM1 C10   O10    sing N N 139 
DM1 C10   C11    sing N N 140 
DM1 C10   H10    sing N N 141 
DM1 O10   "C1'"  sing N N 142 
DM1 C11   C12    sing N N 143 
DM1 C11   H111   sing N N 144 
DM1 C11   H112   sing N N 145 
DM1 C12   O12    sing N N 146 
DM1 C12   C13    sing N N 147 
DM1 C12   C15    sing N N 148 
DM1 O12   HO12   sing N N 149 
DM1 C13   O13    doub N N 150 
DM1 C13   C14    sing N N 151 
DM1 C14   H141   sing N N 152 
DM1 C14   H142   sing N N 153 
DM1 C14   H143   sing N N 154 
DM1 C15   C16    sing N N 155 
DM1 C15   H151   sing N N 156 
DM1 C15   H152   sing N N 157 
DM1 C16   C17    sing Y N 158 
DM1 C17   O17    sing N N 159 
DM1 C17   C18    doub Y N 160 
DM1 O17   HO17   sing N N 161 
DM1 C18   C19    sing N N 162 
DM1 C19   O19    doub N N 163 
DM1 C19   C20    sing N N 164 
DM1 C21   H211   sing N N 165 
DM1 C21   H212   sing N N 166 
DM1 C21   H213   sing N N 167 
DM1 "C1'" "C2'"  sing N N 168 
DM1 "C1'" "O5'"  sing N N 169 
DM1 "C1'" "H1'"  sing N N 170 
DM1 "C2'" "C3'"  sing N N 171 
DM1 "C2'" "H2'1" sing N N 172 
DM1 "C2'" "H2'2" sing N N 173 
DM1 "C3'" "N3'"  sing N N 174 
DM1 "C3'" "C4'"  sing N N 175 
DM1 "C3'" "H3'"  sing N N 176 
DM1 "N3'" "HN'1" sing N N 177 
DM1 "N3'" "HN'2" sing N N 178 
DM1 "C4'" "O4'"  sing N N 179 
DM1 "C4'" "C5'"  sing N N 180 
DM1 "C4'" "H4'"  sing N N 181 
DM1 "O4'" "HO4'" sing N N 182 
DM1 "C5'" "O5'"  sing N N 183 
DM1 "C5'" "C6'"  sing N N 184 
DM1 "C5'" "H5'"  sing N N 185 
DM1 "C6'" "H6'1" sing N N 186 
DM1 "C6'" "H6'2" sing N N 187 
DM1 "C6'" "H6'3" sing N N 188 
DT  OP3   P      sing N N 189 
DT  OP3   HOP3   sing N N 190 
DT  P     OP1    doub N N 191 
DT  P     OP2    sing N N 192 
DT  P     "O5'"  sing N N 193 
DT  OP2   HOP2   sing N N 194 
DT  "O5'" "C5'"  sing N N 195 
DT  "C5'" "C4'"  sing N N 196 
DT  "C5'" "H5'"  sing N N 197 
DT  "C5'" "H5''" sing N N 198 
DT  "C4'" "O4'"  sing N N 199 
DT  "C4'" "C3'"  sing N N 200 
DT  "C4'" "H4'"  sing N N 201 
DT  "O4'" "C1'"  sing N N 202 
DT  "C3'" "O3'"  sing N N 203 
DT  "C3'" "C2'"  sing N N 204 
DT  "C3'" "H3'"  sing N N 205 
DT  "O3'" "HO3'" sing N N 206 
DT  "C2'" "C1'"  sing N N 207 
DT  "C2'" "H2'"  sing N N 208 
DT  "C2'" "H2''" sing N N 209 
DT  "C1'" N1     sing N N 210 
DT  "C1'" "H1'"  sing N N 211 
DT  N1    C2     sing N N 212 
DT  N1    C6     sing N N 213 
DT  C2    O2     doub N N 214 
DT  C2    N3     sing N N 215 
DT  N3    C4     sing N N 216 
DT  N3    H3     sing N N 217 
DT  C4    O4     doub N N 218 
DT  C4    C5     sing N N 219 
DT  C5    C7     sing N N 220 
DT  C5    C6     doub N N 221 
DT  C7    H71    sing N N 222 
DT  C7    H72    sing N N 223 
DT  C7    H73    sing N N 224 
DT  C6    H6     sing N N 225 
HOH O     H1     sing N N 226 
HOH O     H2     sing N N 227 
# 
_ndb_struct_conf_na.entry_id   2D34 
_ndb_struct_conf_na.feature    'b-form double helix' 
# 
loop_
_ndb_struct_na_base_pair.model_number 
_ndb_struct_na_base_pair.i_label_asym_id 
_ndb_struct_na_base_pair.i_label_comp_id 
_ndb_struct_na_base_pair.i_label_seq_id 
_ndb_struct_na_base_pair.i_symmetry 
_ndb_struct_na_base_pair.j_label_asym_id 
_ndb_struct_na_base_pair.j_label_comp_id 
_ndb_struct_na_base_pair.j_label_seq_id 
_ndb_struct_na_base_pair.j_symmetry 
_ndb_struct_na_base_pair.shear 
_ndb_struct_na_base_pair.stretch 
_ndb_struct_na_base_pair.stagger 
_ndb_struct_na_base_pair.buckle 
_ndb_struct_na_base_pair.propeller 
_ndb_struct_na_base_pair.opening 
_ndb_struct_na_base_pair.pair_number 
_ndb_struct_na_base_pair.pair_name 
_ndb_struct_na_base_pair.i_auth_asym_id 
_ndb_struct_na_base_pair.i_auth_seq_id 
_ndb_struct_na_base_pair.i_PDB_ins_code 
_ndb_struct_na_base_pair.j_auth_asym_id 
_ndb_struct_na_base_pair.j_auth_seq_id 
_ndb_struct_na_base_pair.j_PDB_ins_code 
_ndb_struct_na_base_pair.hbond_type_28 
_ndb_struct_na_base_pair.hbond_type_12 
1 A DC  1 1_555 A DG  6 8_665 0.344  -0.168 -0.053 8.851   -0.205 -2.951 1 A_DC1:DG6_A  A 1 ? A 6 ? 19 1 
1 A DG  2 1_555 A DC  5 8_665 0.003  -0.143 -0.292 -14.908 1.534  0.130  2 A_DG2:DC5_A  A 2 ? A 5 ? 19 1 
1 A DT  3 1_555 A A40 4 8_665 -0.014 -0.146 0.007  -3.688  -4.932 -2.720 3 A_DT3:A404_A A 3 ? A 4 ? 20 1 
1 A A40 4 1_555 A DT  3 8_665 0.014  -0.146 0.007  3.688   -4.932 -2.720 4 A_A404:DT3_A A 4 ? A 3 ? 20 1 
1 A DC  5 1_555 A DG  2 8_665 -0.003 -0.143 -0.292 14.908  1.534  0.130  5 A_DC5:DG2_A  A 5 ? A 2 ? 19 1 
1 A DG  6 1_555 A DC  1 8_665 -0.344 -0.168 -0.053 -8.851  -0.205 -2.951 6 A_DG6:DC1_A  A 6 ? A 1 ? 19 1 
# 
loop_
_ndb_struct_na_base_pair_step.model_number 
_ndb_struct_na_base_pair_step.i_label_asym_id_1 
_ndb_struct_na_base_pair_step.i_label_comp_id_1 
_ndb_struct_na_base_pair_step.i_label_seq_id_1 
_ndb_struct_na_base_pair_step.i_symmetry_1 
_ndb_struct_na_base_pair_step.j_label_asym_id_1 
_ndb_struct_na_base_pair_step.j_label_comp_id_1 
_ndb_struct_na_base_pair_step.j_label_seq_id_1 
_ndb_struct_na_base_pair_step.j_symmetry_1 
_ndb_struct_na_base_pair_step.i_label_asym_id_2 
_ndb_struct_na_base_pair_step.i_label_comp_id_2 
_ndb_struct_na_base_pair_step.i_label_seq_id_2 
_ndb_struct_na_base_pair_step.i_symmetry_2 
_ndb_struct_na_base_pair_step.j_label_asym_id_2 
_ndb_struct_na_base_pair_step.j_label_comp_id_2 
_ndb_struct_na_base_pair_step.j_label_seq_id_2 
_ndb_struct_na_base_pair_step.j_symmetry_2 
_ndb_struct_na_base_pair_step.shift 
_ndb_struct_na_base_pair_step.slide 
_ndb_struct_na_base_pair_step.rise 
_ndb_struct_na_base_pair_step.tilt 
_ndb_struct_na_base_pair_step.roll 
_ndb_struct_na_base_pair_step.twist 
_ndb_struct_na_base_pair_step.x_displacement 
_ndb_struct_na_base_pair_step.y_displacement 
_ndb_struct_na_base_pair_step.helical_rise 
_ndb_struct_na_base_pair_step.inclination 
_ndb_struct_na_base_pair_step.tip 
_ndb_struct_na_base_pair_step.helical_twist 
_ndb_struct_na_base_pair_step.step_number 
_ndb_struct_na_base_pair_step.step_name 
_ndb_struct_na_base_pair_step.i_auth_asym_id_1 
_ndb_struct_na_base_pair_step.i_auth_seq_id_1 
_ndb_struct_na_base_pair_step.i_PDB_ins_code_1 
_ndb_struct_na_base_pair_step.j_auth_asym_id_1 
_ndb_struct_na_base_pair_step.j_auth_seq_id_1 
_ndb_struct_na_base_pair_step.j_PDB_ins_code_1 
_ndb_struct_na_base_pair_step.i_auth_asym_id_2 
_ndb_struct_na_base_pair_step.i_auth_seq_id_2 
_ndb_struct_na_base_pair_step.i_PDB_ins_code_2 
_ndb_struct_na_base_pair_step.j_auth_asym_id_2 
_ndb_struct_na_base_pair_step.j_auth_seq_id_2 
_ndb_struct_na_base_pair_step.j_PDB_ins_code_2 
1 A DC  1 1_555 A DG  6 8_665 A DG  2 1_555 A DC  5 8_665 1.143  1.267  7.059 0.408  -4.138 35.255 3.373  -1.748 6.883 -6.802 
-0.670 35.491 1 AA_DC1DG2:DC5DG6_AA   A 1 ? A 6 ? A 2 ? A 5 ? 
1 A DG  2 1_555 A DC  5 8_665 A DT  3 1_555 A A40 4 8_665 -1.327 -0.071 3.058 -2.464 -1.907 29.020 0.255  2.123  3.155 -3.791 
4.899  29.184 2 AA_DG2DT3:A404DC5_AA  A 2 ? A 5 ? A 3 ? A 4 ? 
1 A DT  3 1_555 A A40 4 8_665 A A40 4 1_555 A DT  3 8_665 0.000  -0.483 3.196 0.000  6.224  36.314 -1.581 0.000  3.075 9.897  
0.000  36.826 3 AA_DT3A404:DT3A404_AA A 3 ? A 4 ? A 4 ? A 3 ? 
1 A A40 4 1_555 A DT  3 8_665 A DC  5 1_555 A DG  2 8_665 1.327  -0.071 3.058 2.464  -1.907 29.020 0.255  -2.123 3.155 -3.791 
-4.899 29.184 4 AA_A404DC5:DG2DT3_AA  A 4 ? A 3 ? A 5 ? A 2 ? 
1 A DC  5 1_555 A DG  2 8_665 A DG  6 1_555 A DC  1 8_665 -1.143 1.267  7.059 -0.408 -4.138 35.255 3.373  1.748  6.883 -6.803 
0.670  35.491 5 AA_DC5DG6:DC1DG2_AA   A 5 ? A 2 ? A 6 ? A 1 ? 
# 
_atom_sites.entry_id                    2D34 
_atom_sites.fract_transf_matrix[1][1]   0.03182438 
_atom_sites.fract_transf_matrix[1][2]   0.01301563 
_atom_sites.fract_transf_matrix[1][3]   0.00956218 
_atom_sites.fract_transf_matrix[2][1]   0.01274086 
_atom_sites.fract_transf_matrix[2][2]   -0.03321752 
_atom_sites.fract_transf_matrix[2][3]   0.00281074 
_atom_sites.fract_transf_matrix[3][1]   0.00530030 
_atom_sites.fract_transf_matrix[3][2]   0.00048452 
_atom_sites.fract_transf_matrix[3][3]   -0.01829971 
_atom_sites.fract_transf_vector[1]      0.570897 
_atom_sites.fract_transf_vector[2]      0.528930 
_atom_sites.fract_transf_vector[3]      0.201521 
# 
loop_
_atom_type.symbol 
C  
MG 
N  
O  
P  
# 
loop_
_atom_site.group_PDB 
_atom_site.id 
_atom_site.type_symbol 
_atom_site.label_atom_id 
_atom_site.label_alt_id 
_atom_site.label_comp_id 
_atom_site.label_asym_id 
_atom_site.label_entity_id 
_atom_site.label_seq_id 
_atom_site.pdbx_PDB_ins_code 
_atom_site.Cartn_x 
_atom_site.Cartn_y 
_atom_site.Cartn_z 
_atom_site.occupancy 
_atom_site.B_iso_or_equiv 
_atom_site.pdbx_formal_charge 
_atom_site.auth_seq_id 
_atom_site.auth_comp_id 
_atom_site.auth_asym_id 
_atom_site.auth_atom_id 
_atom_site.pdbx_PDB_model_num 
ATOM   1   O  "O5'" . DC  A 1 1 ? -0.586  -6.776  -12.938 1.00 11.97 ? 1  DC  A "O5'" 1 
ATOM   2   C  "C5'" . DC  A 1 1 ? 0.173   -7.739  -13.738 1.00 11.18 ? 1  DC  A "C5'" 1 
ATOM   3   C  "C4'" . DC  A 1 1 ? 1.593   -7.161  -13.759 1.00 10.97 ? 1  DC  A "C4'" 1 
ATOM   4   O  "O4'" . DC  A 1 1 ? 1.570   -6.003  -14.528 1.00 10.65 ? 1  DC  A "O4'" 1 
ATOM   5   C  "C3'" . DC  A 1 1 ? 2.091   -6.752  -12.369 1.00 11.06 ? 1  DC  A "C3'" 1 
ATOM   6   O  "O3'" . DC  A 1 1 ? 3.450   -7.097  -12.204 1.00 11.57 ? 1  DC  A "O3'" 1 
ATOM   7   C  "C2'" . DC  A 1 1 ? 1.808   -5.241  -12.330 1.00 10.57 ? 1  DC  A "C2'" 1 
ATOM   8   C  "C1'" . DC  A 1 1 ? 2.026   -4.875  -13.826 1.00 9.92  ? 1  DC  A "C1'" 1 
ATOM   9   N  N1    . DC  A 1 1 ? 1.218   -3.691  -14.131 1.00 9.18  ? 1  DC  A N1    1 
ATOM   10  C  C2    . DC  A 1 1 ? 1.818   -2.458  -14.073 1.00 8.47  ? 1  DC  A C2    1 
ATOM   11  O  O2    . DC  A 1 1 ? 3.018   -2.370  -13.772 1.00 8.40  ? 1  DC  A O2    1 
ATOM   12  N  N3    . DC  A 1 1 ? 1.043   -1.362  -14.322 1.00 8.13  ? 1  DC  A N3    1 
ATOM   13  C  C4    . DC  A 1 1 ? -0.246  -1.476  -14.667 1.00 8.27  ? 1  DC  A C4    1 
ATOM   14  N  N4    . DC  A 1 1 ? -0.947  -0.372  -14.884 1.00 8.15  ? 1  DC  A N4    1 
ATOM   15  C  C5    . DC  A 1 1 ? -0.871  -2.760  -14.762 1.00 8.51  ? 1  DC  A C5    1 
ATOM   16  C  C6    . DC  A 1 1 ? -0.116  -3.831  -14.478 1.00 8.69  ? 1  DC  A C6    1 
ATOM   17  P  P     . DG  A 1 2 ? 4.189   -8.029  -11.201 1.00 15.53 ? 2  DG  A P     1 
ATOM   18  O  OP1   . DG  A 1 2 ? 5.559   -8.357  -11.621 1.00 16.68 ? 2  DG  A OP1   1 
ATOM   19  O  OP2   . DG  A 1 2 ? 3.281   -9.130  -10.842 1.00 15.62 ? 2  DG  A OP2   1 
ATOM   20  O  "O5'" . DG  A 1 2 ? 4.305   -6.977  -9.975  1.00 13.84 ? 2  DG  A "O5'" 1 
ATOM   21  C  "C5'" . DG  A 1 2 ? 5.160   -5.810  -9.986  1.00 12.86 ? 2  DG  A "C5'" 1 
ATOM   22  C  "C4'" . DG  A 1 2 ? 4.995   -5.067  -8.681  1.00 12.71 ? 2  DG  A "C4'" 1 
ATOM   23  O  "O4'" . DG  A 1 2 ? 3.830   -4.246  -8.778  1.00 12.11 ? 2  DG  A "O4'" 1 
ATOM   24  C  "C3'" . DG  A 1 2 ? 4.777   -5.870  -7.426  1.00 12.70 ? 2  DG  A "C3'" 1 
ATOM   25  O  "O3'" . DG  A 1 2 ? 5.306   -5.152  -6.281  1.00 13.70 ? 2  DG  A "O3'" 1 
ATOM   26  C  "C2'" . DG  A 1 2 ? 3.247   -5.978  -7.353  1.00 12.34 ? 2  DG  A "C2'" 1 
ATOM   27  C  "C1'" . DG  A 1 2 ? 2.965   -4.502  -7.664  1.00 11.50 ? 2  DG  A "C1'" 1 
ATOM   28  N  N9    . DG  A 1 2 ? 1.549   -4.250  -7.914  1.00 10.72 ? 2  DG  A N9    1 
ATOM   29  C  C8    . DG  A 1 2 ? 0.495   -5.061  -8.197  1.00 10.30 ? 2  DG  A C8    1 
ATOM   30  N  N7    . DG  A 1 2 ? -0.644  -4.426  -8.335  1.00 10.40 ? 2  DG  A N7    1 
ATOM   31  C  C5    . DG  A 1 2 ? -0.316  -3.082  -8.095  1.00 10.00 ? 2  DG  A C5    1 
ATOM   32  C  C6    . DG  A 1 2 ? -1.088  -1.900  -8.058  1.00 9.73  ? 2  DG  A C6    1 
ATOM   33  O  O6    . DG  A 1 2 ? -2.319  -1.778  -8.269  1.00 9.67  ? 2  DG  A O6    1 
ATOM   34  N  N1    . DG  A 1 2 ? -0.377  -0.759  -7.806  1.00 9.18  ? 2  DG  A N1    1 
ATOM   35  C  C2    . DG  A 1 2 ? 0.950   -0.756  -7.547  1.00 9.16  ? 2  DG  A C2    1 
ATOM   36  N  N2    . DG  A 1 2 ? 1.577   0.401   -7.297  1.00 8.84  ? 2  DG  A N2    1 
ATOM   37  N  N3    . DG  A 1 2 ? 1.717   -1.844  -7.556  1.00 9.59  ? 2  DG  A N3    1 
ATOM   38  C  C4    . DG  A 1 2 ? 1.008   -2.960  -7.828  1.00 10.05 ? 2  DG  A C4    1 
ATOM   39  P  P     . DT  A 1 3 ? 5.902   -5.805  -4.963  1.00 19.23 ? 3  DT  A P     1 
ATOM   40  O  OP1   . DT  A 1 3 ? 6.954   -6.791  -5.377  1.00 18.66 ? 3  DT  A OP1   1 
ATOM   41  O  OP2   . DT  A 1 3 ? 4.678   -6.525  -4.429  1.00 19.05 ? 3  DT  A OP2   1 
ATOM   42  O  "O5'" . DT  A 1 3 ? 6.501   -4.590  -4.199  1.00 14.68 ? 3  DT  A "O5'" 1 
ATOM   43  C  "C5'" . DT  A 1 3 ? 7.296   -3.611  -4.922  1.00 14.16 ? 3  DT  A "C5'" 1 
ATOM   44  C  "C4'" . DT  A 1 3 ? 6.801   -2.263  -4.422  1.00 13.52 ? 3  DT  A "C4'" 1 
ATOM   45  O  "O4'" . DT  A 1 3 ? 5.533   -2.023  -4.953  1.00 13.22 ? 3  DT  A "O4'" 1 
ATOM   46  C  "C3'" . DT  A 1 3 ? 6.688   -2.144  -2.900  1.00 13.35 ? 3  DT  A "C3'" 1 
ATOM   47  O  "O3'" . DT  A 1 3 ? 7.593   -1.192  -2.399  1.00 13.82 ? 3  DT  A "O3'" 1 
ATOM   48  C  "C2'" . DT  A 1 3 ? 5.265   -1.716  -2.634  1.00 13.12 ? 3  DT  A "C2'" 1 
ATOM   49  C  "C1'" . DT  A 1 3 ? 4.721   -1.355  -3.984  1.00 12.50 ? 3  DT  A "C1'" 1 
ATOM   50  N  N1    . DT  A 1 3 ? 3.330   -1.790  -4.120  1.00 11.77 ? 3  DT  A N1    1 
ATOM   51  C  C2    . DT  A 1 3 ? 2.421   -0.747  -4.225  1.00 11.24 ? 3  DT  A C2    1 
ATOM   52  O  O2    . DT  A 1 3 ? 2.850   0.419   -4.135  1.00 11.14 ? 3  DT  A O2    1 
ATOM   53  N  N3    . DT  A 1 3 ? 1.098   -1.052  -4.354  1.00 10.94 ? 3  DT  A N3    1 
ATOM   54  C  C4    . DT  A 1 3 ? 0.668   -2.333  -4.419  1.00 10.85 ? 3  DT  A C4    1 
ATOM   55  O  O4    . DT  A 1 3 ? -0.558  -2.520  -4.561  1.00 10.64 ? 3  DT  A O4    1 
ATOM   56  C  C5    . DT  A 1 3 ? 1.602   -3.405  -4.324  1.00 11.03 ? 3  DT  A C5    1 
ATOM   57  C  C7    . DT  A 1 3 ? 1.159   -4.833  -4.387  1.00 11.06 ? 3  DT  A C7    1 
ATOM   58  C  C6    . DT  A 1 3 ? 2.900   -3.089  -4.192  1.00 11.43 ? 3  DT  A C6    1 
HETATM 59  N  N1    . A40 A 1 4 ? -1.258  0.853   -1.302  1.00 7.74  ? 4  A40 A N1    1 
HETATM 60  C  C2    . A40 A 1 4 ? -0.666  2.041   -1.083  1.00 7.54  ? 4  A40 A C2    1 
HETATM 61  C  C4    . A40 A 1 4 ? 1.272   1.117   -0.693  1.00 8.30  ? 4  A40 A C4    1 
HETATM 62  C  C5    . A40 A 1 4 ? 0.816   -0.137  -0.908  1.00 8.18  ? 4  A40 A C5    1 
HETATM 63  C  C6    . A40 A 1 4 ? -0.567  -0.323  -1.220  1.00 7.95  ? 4  A40 A C6    1 
HETATM 64  C  C8    . A40 A 1 4 ? 2.898   -0.334  -0.414  1.00 8.54  ? 4  A40 A C8    1 
HETATM 65  N  N2    . A40 A 1 4 ? -1.458  3.121   -1.234  1.00 8.21  ? 4  A40 A N2    1 
HETATM 66  N  N3    . A40 A 1 4 ? 0.611   2.297   -0.744  1.00 8.23  ? 4  A40 A N3    1 
HETATM 67  N  N9    . A40 A 1 4 ? 2.611   1.003   -0.391  1.00 9.07  ? 4  A40 A N9    1 
HETATM 68  N  N7    . A40 A 1 4 ? 1.832   -1.073  -0.725  1.00 8.32  ? 4  A40 A N7    1 
HETATM 69  N  N6    . A40 A 1 4 ? -1.147  -1.495  -1.414  1.00 7.80  ? 4  A40 A N6    1 
HETATM 70  P  P     . A40 A 1 4 ? 7.745   -0.525  -0.966  1.00 15.99 ? 4  A40 A P     1 
HETATM 71  O  O1P   . A40 A 1 4 ? 9.003   0.339   -1.060  1.00 16.18 ? 4  A40 A O1P   1 
HETATM 72  O  O2P   . A40 A 1 4 ? 7.600   -1.551  0.014   1.00 16.88 ? 4  A40 A O2P   1 
HETATM 73  O  "O5'" . A40 A 1 4 ? 6.597   0.584   -0.838  1.00 13.06 ? 4  A40 A "O5'" 1 
HETATM 74  C  "C5'" . A40 A 1 4 ? 6.597   1.755   -1.631  1.00 12.10 ? 4  A40 A "C5'" 1 
HETATM 75  C  "C4'" . A40 A 1 4 ? 5.580   2.709   -1.071  1.00 11.65 ? 4  A40 A "C4'" 1 
HETATM 76  O  "O4'" . A40 A 1 4 ? 4.251   2.399   -1.392  1.00 11.21 ? 4  A40 A "O4'" 1 
HETATM 77  C  "C1'" . A40 A 1 4 ? 3.495   2.159   -0.158  1.00 10.12 ? 4  A40 A "C1'" 1 
HETATM 78  C  "C2'" . A40 A 1 4 ? 4.496   1.938   0.912   1.00 11.06 ? 4  A40 A "C2'" 1 
HETATM 79  C  "C3'" . A40 A 1 4 ? 5.613   2.832   0.473   1.00 11.54 ? 4  A40 A "C3'" 1 
HETATM 80  O  "O3'" . A40 A 1 4 ? 5.438   4.227   0.749   1.00 12.50 ? 4  A40 A "O3'" 1 
HETATM 81  C  CH2   . A40 A 1 4 ? -0.731  4.345   -0.888  1.00 8.60  ? 4  A40 A CH2   1 
ATOM   82  P  P     . DC  A 1 5 ? 5.711   4.777   2.236   1.00 19.13 ? 5  DC  A P     1 
ATOM   83  O  OP1   . DC  A 1 5 ? 6.009   6.233   2.087   1.00 17.72 ? 5  DC  A OP1   1 
ATOM   84  O  OP2   . DC  A 1 5 ? 6.652   3.920   2.895   1.00 15.88 ? 5  DC  A OP2   1 
ATOM   85  O  "O5'" . DC  A 1 5 ? 4.181   4.557   2.841   1.00 12.81 ? 5  DC  A "O5'" 1 
ATOM   86  C  "C5'" . DC  A 1 5 ? 3.164   5.535   2.572   1.00 11.74 ? 5  DC  A "C5'" 1 
ATOM   87  C  "C4'" . DC  A 1 5 ? 1.893   5.024   3.218   1.00 11.37 ? 5  DC  A "C4'" 1 
ATOM   88  O  "O4'" . DC  A 1 5 ? 1.443   3.891   2.506   1.00 11.01 ? 5  DC  A "O4'" 1 
ATOM   89  C  "C3'" . DC  A 1 5 ? 2.067   4.576   4.672   1.00 11.18 ? 5  DC  A "C3'" 1 
ATOM   90  O  "O3'" . DC  A 1 5 ? 1.015   5.098   5.463   1.00 11.97 ? 5  DC  A "O3'" 1 
ATOM   91  C  "C2'" . DC  A 1 5 ? 2.072   3.052   4.568   1.00 10.90 ? 5  DC  A "C2'" 1 
ATOM   92  C  "C1'" . DC  A 1 5 ? 1.058   2.896   3.412   1.00 10.45 ? 5  DC  A "C1'" 1 
ATOM   93  N  N1    . DC  A 1 5 ? 0.956   1.510   2.974   1.00 9.68  ? 5  DC  A N1    1 
ATOM   94  C  C2    . DC  A 1 5 ? -0.266  1.159   2.414   1.00 9.07  ? 5  DC  A C2    1 
ATOM   95  O  O2    . DC  A 1 5 ? -1.132  2.031   2.229   1.00 9.30  ? 5  DC  A O2    1 
ATOM   96  N  N3    . DC  A 1 5 ? -0.528  -0.143  2.150   1.00 8.89  ? 5  DC  A N3    1 
ATOM   97  C  C4    . DC  A 1 5 ? 0.445   -1.095  2.319   1.00 8.82  ? 5  DC  A C4    1 
ATOM   98  N  N4    . DC  A 1 5 ? 0.147   -2.361  1.982   1.00 9.14  ? 5  DC  A N4    1 
ATOM   99  C  C5    . DC  A 1 5 ? 1.698   -0.737  2.861   1.00 9.35  ? 5  DC  A C5    1 
ATOM   100 C  C6    . DC  A 1 5 ? 1.908   0.553   3.180   1.00 9.39  ? 5  DC  A C6    1 
ATOM   101 P  P     . DG  A 1 6 ? 1.065   6.461   6.307   1.00 13.89 ? 6  DG  A P     1 
ATOM   102 O  OP1   . DG  A 1 6 ? 1.620   7.571   5.491   1.00 14.22 ? 6  DG  A OP1   1 
ATOM   103 O  OP2   . DG  A 1 6 ? 1.959   5.859   7.303   1.00 15.08 ? 6  DG  A OP2   1 
ATOM   104 O  "O5'" . DG  A 1 6 ? -0.469  6.612   6.691   1.00 10.54 ? 6  DG  A "O5'" 1 
ATOM   105 C  "C5'" . DG  A 1 6 ? -1.477  7.157   5.840   1.00 9.41  ? 6  DG  A "C5'" 1 
ATOM   106 C  "C4'" . DG  A 1 6 ? -2.772  7.267   6.571   1.00 9.09  ? 6  DG  A "C4'" 1 
ATOM   107 O  "O4'" . DG  A 1 6 ? -3.270  5.975   6.802   1.00 8.82  ? 6  DG  A "O4'" 1 
ATOM   108 C  "C3'" . DG  A 1 6 ? -2.698  7.944   7.944   1.00 8.81  ? 6  DG  A "C3'" 1 
ATOM   109 O  "O3'" . DG  A 1 6 ? -3.873  8.706   8.246   1.00 8.83  ? 6  DG  A "O3'" 1 
ATOM   110 C  "C2'" . DG  A 1 6 ? -2.466  6.768   8.865   1.00 8.39  ? 6  DG  A "C2'" 1 
ATOM   111 C  "C1'" . DG  A 1 6 ? -3.341  5.723   8.234   1.00 7.96  ? 6  DG  A "C1'" 1 
ATOM   112 N  N9    . DG  A 1 6 ? -2.782  4.390   8.443   1.00 7.38  ? 6  DG  A N9    1 
ATOM   113 C  C8    . DG  A 1 6 ? -1.517  4.029   8.800   1.00 6.98  ? 6  DG  A C8    1 
ATOM   114 N  N7    . DG  A 1 6 ? -1.347  2.740   8.880   1.00 7.53  ? 6  DG  A N7    1 
ATOM   115 C  C5    . DG  A 1 6 ? -2.631  2.226   8.582   1.00 6.92  ? 6  DG  A C5    1 
ATOM   116 C  C6    . DG  A 1 6 ? -3.104  0.890   8.503   1.00 6.60  ? 6  DG  A C6    1 
ATOM   117 O  O6    . DG  A 1 6 ? -2.388  -0.103  8.673   1.00 7.22  ? 6  DG  A O6    1 
ATOM   118 N  N1    . DG  A 1 6 ? -4.412  0.765   8.142   1.00 6.76  ? 6  DG  A N1    1 
ATOM   119 C  C2    . DG  A 1 6 ? -5.220  1.853   7.910   1.00 6.13  ? 6  DG  A C2    1 
ATOM   120 N  N2    . DG  A 1 6 ? -6.482  1.557   7.575   1.00 6.38  ? 6  DG  A N2    1 
ATOM   121 N  N3    . DG  A 1 6 ? -4.832  3.129   7.986   1.00 6.77  ? 6  DG  A N3    1 
ATOM   122 C  C4    . DG  A 1 6 ? -3.515  3.219   8.319   1.00 6.93  ? 6  DG  A C4    1 
HETATM 123 C  C1    . DM1 B 2 . ? -1.047  -3.622  5.384   1.00 8.80  ? 7  DM1 A C1    1 
HETATM 124 C  C2    . DM1 B 2 . ? 0.268   -3.907  5.724   1.00 9.09  ? 7  DM1 A C2    1 
HETATM 125 C  C3    . DM1 B 2 . ? 1.213   -2.833  6.021   1.00 9.23  ? 7  DM1 A C3    1 
HETATM 126 C  C4    . DM1 B 2 . ? 0.749   -1.462  5.961   1.00 9.08  ? 7  DM1 A C4    1 
HETATM 127 O  O4    . DM1 B 2 . ? 1.489   -0.389  6.188   1.00 9.82  ? 7  DM1 A O4    1 
HETATM 128 C  C5    . DM1 B 2 . ? -0.622  -1.294  5.591   1.00 8.75  ? 7  DM1 A C5    1 
HETATM 129 C  C6    . DM1 B 2 . ? -1.139  0.102   5.537   1.00 8.19  ? 7  DM1 A C6    1 
HETATM 130 O  O6    . DM1 B 2 . ? -0.517  1.134   5.805   1.00 9.19  ? 7  DM1 A O6    1 
HETATM 131 C  C7    . DM1 B 2 . ? -2.546  0.315   5.147   1.00 8.09  ? 7  DM1 A C7    1 
HETATM 132 C  C8    . DM1 B 2 . ? -3.032  1.624   5.068   1.00 7.88  ? 7  DM1 A C8    1 
HETATM 133 O  O8    . DM1 B 2 . ? -2.315  2.721   5.288   1.00 8.12  ? 7  DM1 A O8    1 
HETATM 134 C  C9    . DM1 B 2 . ? -4.392  1.786   4.717   1.00 8.28  ? 7  DM1 A C9    1 
HETATM 135 C  C10   . DM1 B 2 . ? -4.914  3.258   4.556   1.00 8.74  ? 7  DM1 A C10   1 
HETATM 136 O  O10   . DM1 B 2 . ? -4.033  3.644   3.389   1.00 9.42  ? 7  DM1 A O10   1 
HETATM 137 C  C11   . DM1 B 2 . ? -6.358  3.358   4.270   1.00 8.94  ? 7  DM1 A C11   1 
HETATM 138 C  C12   . DM1 B 2 . ? -6.990  2.256   3.452   1.00 9.26  ? 7  DM1 A C12   1 
HETATM 139 O  O12   . DM1 B 2 . ? -6.449  2.280   2.089   1.00 9.44  ? 7  DM1 A O12   1 
HETATM 140 C  C13   . DM1 B 2 . ? -8.491  2.425   3.279   1.00 9.59  ? 7  DM1 A C13   1 
HETATM 141 O  O13   . DM1 B 2 . ? -9.208  2.080   4.230   1.00 10.63 ? 7  DM1 A O13   1 
HETATM 142 C  C14   . DM1 B 2 . ? -9.179  3.266   2.178   1.00 10.06 ? 7  DM1 A C14   1 
HETATM 143 C  C15   . DM1 B 2 . ? -6.696  0.828   4.051   1.00 8.74  ? 7  DM1 A C15   1 
HETATM 144 C  C16   . DM1 B 2 . ? -5.291  0.747   4.451   1.00 8.01  ? 7  DM1 A C16   1 
HETATM 145 C  C17   . DM1 B 2 . ? -4.740  -0.551  4.542   1.00 7.72  ? 7  DM1 A C17   1 
HETATM 146 O  O17   . DM1 B 2 . ? -5.586  -1.649  4.302   1.00 8.24  ? 7  DM1 A O17   1 
HETATM 147 C  C18   . DM1 B 2 . ? -3.438  -0.855  4.868   1.00 7.77  ? 7  DM1 A C18   1 
HETATM 148 C  C19   . DM1 B 2 . ? -2.895  -2.202  4.989   1.00 8.09  ? 7  DM1 A C19   1 
HETATM 149 O  O19   . DM1 B 2 . ? -3.542  -3.250  4.781   1.00 8.36  ? 7  DM1 A O19   1 
HETATM 150 C  C20   . DM1 B 2 . ? -1.498  -2.312  5.354   1.00 8.34  ? 7  DM1 A C20   1 
HETATM 151 C  C21   . DM1 B 2 . ? 2.947   -0.472  6.493   1.00 9.54  ? 7  DM1 A C21   1 
HETATM 152 C  "C1'" . DM1 B 2 . ? -3.405  4.893   3.418   1.00 9.84  ? 7  DM1 A "C1'" 1 
HETATM 153 C  "C2'" . DM1 B 2 . ? -2.063  4.924   2.747   1.00 9.93  ? 7  DM1 A "C2'" 1 
HETATM 154 C  "C3'" . DM1 B 2 . ? -2.236  4.569   1.256   1.00 10.03 ? 7  DM1 A "C3'" 1 
HETATM 155 N  "N3'" . DM1 B 2 . ? -0.841  4.711   0.593   1.00 9.39  ? 7  DM1 A "N3'" 1 
HETATM 156 C  "C4'" . DM1 B 2 . ? -3.266  5.513   0.616   1.00 10.26 ? 7  DM1 A "C4'" 1 
HETATM 157 O  "O4'" . DM1 B 2 . ? -2.708  6.885   0.700   1.00 10.75 ? 7  DM1 A "O4'" 1 
HETATM 158 C  "C5'" . DM1 B 2 . ? -4.604  5.355   1.318   1.00 10.15 ? 7  DM1 A "C5'" 1 
HETATM 159 O  "O5'" . DM1 B 2 . ? -4.367  5.813   2.743   1.00 10.29 ? 7  DM1 A "O5'" 1 
HETATM 160 C  "C6'" . DM1 B 2 . ? -5.771  6.256   0.851   1.00 10.12 ? 7  DM1 A "C6'" 1 
HETATM 161 MG MG    . MG  C 3 . ? 1.065   1.224   8.637   1.00 22.40 ? 8  MG  A MG    1 
HETATM 162 O  O     . HOH D 4 . ? -0.181  -1.267  9.522   1.00 25.16 ? 9  HOH A O     1 
HETATM 163 O  O     . HOH D 4 . ? 2.595   3.509   8.217   1.00 29.98 ? 10 HOH A O     1 
HETATM 164 O  O     . HOH D 4 . ? 2.313   0.623   10.999  1.00 30.58 ? 11 HOH A O     1 
HETATM 165 O  O     . HOH D 4 . ? 2.449   -3.905  -0.688  1.00 26.46 ? 12 HOH A O     1 
HETATM 166 O  O     . HOH D 4 . ? -3.620  -4.549  -1.932  1.00 23.08 ? 13 HOH A O     1 
HETATM 167 O  O     . HOH D 4 . ? 5.584   1.813   4.612   1.00 32.65 ? 14 HOH A O     1 
HETATM 168 O  O     . HOH D 4 . ? -9.414  6.677   0.785   1.00 20.18 ? 15 HOH A O     1 
HETATM 169 O  O     . HOH D 4 . ? -9.636  0.014   6.440   1.00 29.90 ? 16 HOH A O     1 
HETATM 170 O  O     . HOH D 4 . ? -8.811  3.697   7.236   1.00 38.66 ? 17 HOH A O     1 
HETATM 171 O  O     . HOH D 4 . ? -6.709  5.417   7.688   1.00 22.51 ? 18 HOH A O     1 
HETATM 172 O  O     . HOH D 4 . ? 2.173   -4.142  2.247   1.00 27.26 ? 19 HOH A O     1 
HETATM 173 O  O     . HOH D 4 . ? -3.311  -1.697  -15.762 1.00 39.38 ? 20 HOH A O     1 
HETATM 174 O  O     . HOH D 4 . ? 9.573   2.635   2.936   1.00 40.04 ? 21 HOH A O     1 
HETATM 175 O  O     . HOH D 4 . ? 4.904   -2.680  3.728   1.00 42.52 ? 22 HOH A O     1 
HETATM 176 O  O     . HOH D 4 . ? 0.936   6.016   10.180  1.00 25.38 ? 23 HOH A O     1 
HETATM 177 O  O     . HOH D 4 . ? -4.288  -8.014  4.590   1.00 45.64 ? 24 HOH A O     1 
HETATM 178 O  O     . HOH D 4 . ? 6.270   -0.490  3.465   1.00 46.32 ? 25 HOH A O     1 
HETATM 179 O  O     . HOH D 4 . ? -9.328  -5.325  0.896   1.00 23.38 ? 26 HOH A O     1 
HETATM 180 O  O     . HOH D 4 . ? -9.073  8.414   -1.179  1.00 30.56 ? 27 HOH A O     1 
HETATM 181 O  O     . HOH D 4 . ? -1.549  8.847   -1.721  1.00 41.04 ? 28 HOH A O     1 
HETATM 182 O  O     . HOH D 4 . ? 2.646   -11.437 0.049   1.00 52.64 ? 29 HOH A O     1 
HETATM 183 O  O     . HOH D 4 . ? -6.563  -6.301  -2.323  1.00 38.39 ? 30 HOH A O     1 
HETATM 184 O  O     . HOH D 4 . ? -0.873  -5.852  2.069   1.00 38.74 ? 31 HOH A O     1 
HETATM 185 O  O     . HOH D 4 . ? 0.503   6.941   0.549   1.00 31.39 ? 32 HOH A O     1 
HETATM 186 O  O     . HOH D 4 . ? 0.311   8.342   2.952   1.00 25.84 ? 33 HOH A O     1 
HETATM 187 O  O     . HOH D 4 . ? 2.510   6.042   -1.642  1.00 34.14 ? 34 HOH A O     1 
HETATM 188 O  O     . HOH D 4 . ? -4.012  8.805   -1.004  1.00 42.26 ? 35 HOH A O     1 
HETATM 189 O  O     . HOH D 4 . ? -5.677  -7.572  6.894   1.00 35.80 ? 36 HOH A O     1 
HETATM 190 O  O     . HOH D 4 . ? -2.644  8.581   3.271   1.00 45.89 ? 37 HOH A O     1 
HETATM 191 O  O     . HOH D 4 . ? 4.348   3.947   10.414  1.00 38.60 ? 38 HOH A O     1 
HETATM 192 O  O     . HOH D 4 . ? 6.916   4.357   7.792   1.00 46.10 ? 39 HOH A O     1 
HETATM 193 O  O     . HOH D 4 . ? 5.887   8.949   2.823   1.00 42.10 ? 40 HOH A O     1 
HETATM 194 O  O     . HOH D 4 . ? 3.797   -6.005  -1.621  1.00 38.10 ? 41 HOH A O     1 
HETATM 195 O  O     . HOH D 4 . ? -1.098  -10.252 2.067   1.00 40.99 ? 42 HOH A O     1 
HETATM 196 O  O     . HOH D 4 . ? 3.064   -8.686  4.408   1.00 38.90 ? 43 HOH A O     1 
HETATM 197 O  O     . HOH D 4 . ? -9.032  -4.190  -2.250  1.00 43.74 ? 44 HOH A O     1 
HETATM 198 O  O     . HOH D 4 . ? -4.724  -5.552  3.721   1.00 46.66 ? 45 HOH A O     1 
HETATM 199 O  O     . HOH D 4 . ? 5.058   2.633   7.066   1.00 42.77 ? 46 HOH A O     1 
HETATM 200 O  O     . HOH D 4 . ? 3.011   9.139   2.918   1.00 44.99 ? 47 HOH A O     1 
HETATM 201 O  O     . HOH D 4 . ? -4.385  -10.113 8.049   1.00 44.86 ? 48 HOH A O     1 
HETATM 202 O  O     . HOH D 4 . ? -8.386  -7.821  -6.499  1.00 46.63 ? 49 HOH A O     1 
HETATM 203 O  O     . HOH D 4 . ? 9.537   4.946   1.365   1.00 46.97 ? 50 HOH A O     1 
HETATM 204 O  O     . HOH D 4 . ? -9.638  -5.470  -5.017  1.00 48.06 ? 51 HOH A O     1 
HETATM 205 O  O     . HOH D 4 . ? 5.643   -10.192 -5.608  1.00 51.89 ? 52 HOH A O     1 
HETATM 206 O  O     . HOH D 4 . ? -3.704  -6.260  0.757   1.00 48.60 ? 53 HOH A O     1 
HETATM 207 O  O     . HOH D 4 . ? -3.429  11.384  0.752   1.00 48.51 ? 54 HOH A O     1 
HETATM 208 O  O     . HOH D 4 . ? 1.439   -7.413  1.599   1.00 41.53 ? 55 HOH A O     1 
HETATM 209 O  O     . HOH D 4 . ? -8.989  9.282   2.988   1.00 42.03 ? 56 HOH A O     1 
HETATM 210 O  O     . HOH D 4 . ? -11.126 5.253   4.060   1.00 46.61 ? 57 HOH A O     1 
HETATM 211 O  O     . HOH D 4 . ? 4.605   -1.095  10.355  1.00 48.83 ? 58 HOH A O     1 
HETATM 212 O  O     . HOH D 4 . ? 3.731   3.161   12.969  1.00 51.28 ? 59 HOH A O     1 
HETATM 213 O  O     . HOH D 4 . ? -9.423  6.939   8.226   1.00 55.68 ? 60 HOH A O     1 
HETATM 214 O  O     . HOH D 4 . ? 11.339  1.815   0.294   1.00 52.81 ? 61 HOH A O     1 
HETATM 215 O  O     . HOH D 4 . ? 5.328   -10.843 -8.748  1.00 47.40 ? 62 HOH A O     1 
HETATM 216 O  O     . HOH D 4 . ? -6.355  -9.208  -7.455  1.00 48.83 ? 63 HOH A O     1 
HETATM 217 O  O     . HOH D 4 . ? -12.421 3.758   0.848   1.00 45.42 ? 64 HOH A O     1 
HETATM 218 O  O     . HOH D 4 . ? -2.630  -7.173  -10.267 1.00 45.40 ? 65 HOH A O     1 
HETATM 219 O  O     . HOH D 4 . ? 8.440   -5.140  -7.172  1.00 45.40 ? 66 HOH A O     1 
HETATM 220 O  O     . HOH D 4 . ? -6.825  6.536   4.493   1.00 46.87 ? 67 HOH A O     1 
HETATM 221 O  O     . HOH D 4 . ? -8.152  6.352   3.929   1.00 46.72 ? 68 HOH A O     1 
HETATM 222 O  O     . HOH D 4 . ? -6.263  7.862   4.707   1.00 46.79 ? 69 HOH A O     1 
HETATM 223 O  O     . HOH D 4 . ? -1.125  -6.032  -1.588  1.00 43.24 ? 70 HOH A O     1 
HETATM 224 O  O     . HOH D 4 . ? -0.281  -7.018  -2.260  1.00 43.24 ? 71 HOH A O     1 
HETATM 225 O  O     . HOH D 4 . ? -0.566  -4.792  -1.088  1.00 43.15 ? 72 HOH A O     1 
# 
